data_6PAQ
#
_entry.id   6PAQ
#
_cell.length_a   89.346
_cell.length_b   115.354
_cell.length_c   184.536
_cell.angle_alpha   90.000
_cell.angle_beta   90.000
_cell.angle_gamma   90.000
#
_symmetry.space_group_name_H-M   'P 21 21 21'
#
loop_
_entity.id
_entity.type
_entity.pdbx_description
1 polymer 'ATM1-type heavy metal exporter'
2 non-polymer "ADENOSINE-5'-TRIPHOSPHATE"
#
_entity_poly.entity_id   1
_entity_poly.type   'polypeptide(L)'
_entity_poly.pdbx_seq_one_letter_code
;(MSE)PPETATNPKDARHDGWQTLKRFLPYLWPADNAVLRRRVVGAIL(MSE)VLLGKATTLALPFAYKKAVDA(MSE)T
LGGGAQPALTVALAFVLAYALGRFSGVLFDNLRNIVFERVGQDATRHLAENVFARLHKLSLRFHLARRTGEVTKVIERGT
KSIDT(MSE)LYFLLFNIAPTVIELTAVIVIFWLNFGLGLVTATILAVIAYVWTTRTITEWRTHLREK(MSE)NRLDGQA
LARAVDSLLNYETVKYFGAESREEARYASAARAYADAAVKSENSLGLLNIAQALIVNLL(MSE)AGA(MSE)AWTVYGWS
QGKLTVGDLVFVNTYLTQLFRPLD(MSE)LG(MSE)VYRTIRQGLID(MSE)AE(MSE)FRLIDTHIEVADVPNAPALVV
NRPSVTFDNVVFGYDRDREILHGLSFEVAAGSRVAIVGPSGAGKSTIARLLFRFYDPWEGRILIDGQDIAHVTQTSLRAA
LGIVPQDSVLFNDTIGYNIAYGRDGASRAEVDAAAKGAAIADFIARLPQGYDTEVGERGLKLSGGEKQRVAIARTLVKNP
PILLFDQATSALDTRTEQDILST(MSE)RAVASHRTTISIAHRLSTIADSDTILVLDQGRLAEQGSHLDLLRRDGLYAE
(MSE)WARQAAESAEVSEAAEHHHHHH
;
_entity_poly.pdbx_strand_id   A,B
#
loop_
_chem_comp.id
_chem_comp.type
_chem_comp.name
_chem_comp.formula
ATP non-polymer ADENOSINE-5'-TRIPHOSPHATE 'C10 H16 N5 O13 P3'
#
# COMPACT_ATOMS: atom_id res chain seq x y z
N ALA A 33 23.11 -3.27 -22.54
CA ALA A 33 22.28 -4.42 -22.85
C ALA A 33 21.71 -4.34 -24.26
N VAL A 34 20.70 -5.18 -24.53
CA VAL A 34 20.07 -5.22 -25.84
C VAL A 34 18.93 -4.20 -25.98
N LEU A 35 18.43 -3.67 -24.86
CA LEU A 35 17.32 -2.72 -24.90
C LEU A 35 17.62 -1.52 -25.78
N ARG A 36 18.90 -1.13 -25.88
CA ARG A 36 19.26 -0.03 -26.77
C ARG A 36 18.74 -0.27 -28.18
N ARG A 37 18.98 -1.47 -28.72
CA ARG A 37 18.47 -1.78 -30.04
C ARG A 37 16.96 -1.52 -30.11
N ARG A 38 16.23 -1.96 -29.09
CA ARG A 38 14.79 -1.75 -29.08
C ARG A 38 14.46 -0.26 -29.17
N VAL A 39 15.12 0.57 -28.35
CA VAL A 39 14.75 1.97 -28.37
C VAL A 39 15.13 2.58 -29.72
N VAL A 40 16.18 2.06 -30.36
CA VAL A 40 16.51 2.51 -31.70
C VAL A 40 15.32 2.25 -32.62
N GLY A 41 14.83 1.01 -32.60
CA GLY A 41 13.65 0.69 -33.38
C GLY A 41 12.48 1.57 -32.99
N ALA A 42 12.36 1.89 -31.70
CA ALA A 42 11.29 2.78 -31.27
C ALA A 42 11.39 4.12 -31.98
N ILE A 43 12.58 4.70 -31.99
CA ILE A 43 12.76 5.97 -32.69
C ILE A 43 12.48 5.77 -34.16
N LEU A 44 12.85 4.61 -34.70
CA LEU A 44 12.54 4.32 -36.10
C LEU A 44 11.05 4.35 -36.33
N MSE A 45 10.28 3.73 -35.44
CA MSE A 45 8.83 3.74 -35.55
C MSE A 45 8.36 5.18 -35.53
O MSE A 45 7.51 5.57 -36.33
CB MSE A 45 8.17 2.95 -34.42
CG MSE A 45 8.62 1.49 -34.33
SE MSE A 45 8.72 0.61 -36.08
CE MSE A 45 6.88 0.88 -36.66
N VAL A 46 8.98 5.98 -34.65
CA VAL A 46 8.63 7.39 -34.57
C VAL A 46 8.81 8.06 -35.93
N LEU A 47 9.96 7.79 -36.57
CA LEU A 47 10.20 8.39 -37.88
C LEU A 47 9.20 7.87 -38.90
N LEU A 48 8.81 6.60 -38.77
CA LEU A 48 7.77 6.07 -39.65
C LEU A 48 6.44 6.77 -39.39
N GLY A 49 6.15 7.07 -38.12
CA GLY A 49 5.01 7.92 -37.83
C GLY A 49 5.13 9.27 -38.52
N LYS A 50 6.33 9.84 -38.53
CA LYS A 50 6.53 11.08 -39.26
C LYS A 50 6.36 10.87 -40.75
N ALA A 51 6.68 9.67 -41.25
CA ALA A 51 6.37 9.35 -42.65
C ALA A 51 4.88 9.46 -42.91
N THR A 52 4.05 9.09 -41.92
CA THR A 52 2.63 9.35 -42.02
C THR A 52 2.33 10.84 -41.95
N THR A 53 3.02 11.57 -41.07
CA THR A 53 2.81 13.01 -40.94
C THR A 53 3.06 13.73 -42.25
N LEU A 54 4.02 13.26 -43.04
CA LEU A 54 4.23 13.85 -44.37
C LEU A 54 3.12 13.44 -45.33
N ALA A 55 2.66 12.19 -45.24
CA ALA A 55 1.75 11.66 -46.26
C ALA A 55 0.40 12.36 -46.29
N LEU A 56 -0.08 12.88 -45.15
CA LEU A 56 -1.40 13.51 -45.17
C LEU A 56 -1.40 14.82 -45.95
N PRO A 57 -0.50 15.78 -45.72
CA PRO A 57 -0.43 16.91 -46.66
C PRO A 57 0.05 16.50 -48.05
N PHE A 58 0.94 15.51 -48.13
CA PHE A 58 1.50 15.12 -49.43
C PHE A 58 0.42 14.63 -50.39
N ALA A 59 -0.66 14.05 -49.85
CA ALA A 59 -1.75 13.61 -50.70
C ALA A 59 -2.53 14.80 -51.26
N TYR A 60 -2.67 15.86 -50.46
CA TYR A 60 -3.53 16.97 -50.86
C TYR A 60 -3.10 17.60 -52.18
N LYS A 61 -1.80 17.61 -52.46
CA LYS A 61 -1.32 18.16 -53.73
C LYS A 61 -2.01 17.50 -54.91
N LYS A 62 -2.19 16.18 -54.86
CA LYS A 62 -2.83 15.47 -55.97
C LYS A 62 -4.27 15.93 -56.17
N ALA A 63 -4.93 16.35 -55.08
CA ALA A 63 -6.27 16.90 -55.17
C ALA A 63 -6.30 18.33 -55.68
N VAL A 64 -5.19 19.06 -55.55
CA VAL A 64 -5.14 20.46 -55.97
C VAL A 64 -5.34 20.59 -57.48
N ASP A 65 -4.92 19.60 -58.25
CA ASP A 65 -4.90 19.68 -59.70
C ASP A 65 -6.21 19.25 -60.34
N ALA A 66 -7.34 19.33 -59.62
CA ALA A 66 -8.64 19.02 -60.18
C ALA A 66 -9.41 20.26 -60.62
N MSE A 67 -8.93 21.45 -60.28
CA MSE A 67 -9.64 22.70 -60.54
C MSE A 67 -9.41 23.25 -61.96
O MSE A 67 -10.35 23.70 -62.60
CB MSE A 67 -9.23 23.75 -59.51
CG MSE A 67 -9.74 25.15 -59.79
SE MSE A 67 -9.08 26.45 -58.48
CE MSE A 67 -9.84 28.07 -59.24
N THR A 68 -8.16 23.20 -62.41
CA THR A 68 -7.77 23.88 -63.64
C THR A 68 -7.40 22.91 -64.76
N LEU A 69 -6.45 22.02 -64.53
CA LEU A 69 -6.00 21.06 -65.53
C LEU A 69 -6.39 19.65 -65.09
N GLY A 70 -6.16 18.69 -65.98
CA GLY A 70 -6.61 17.34 -65.75
C GLY A 70 -7.94 17.09 -66.40
N GLY A 71 -8.13 17.66 -67.60
CA GLY A 71 -9.39 17.54 -68.31
C GLY A 71 -9.34 16.58 -69.49
N GLY A 72 -8.45 15.59 -69.41
CA GLY A 72 -8.42 14.50 -70.37
C GLY A 72 -9.39 13.38 -70.04
N ALA A 73 -10.20 13.57 -69.01
CA ALA A 73 -11.25 12.67 -68.54
C ALA A 73 -10.69 11.42 -67.85
N GLN A 74 -9.39 11.18 -68.01
CA GLN A 74 -8.73 10.13 -67.25
C GLN A 74 -8.21 10.60 -65.88
N PRO A 75 -7.48 11.72 -65.80
CA PRO A 75 -6.88 12.10 -64.51
C PRO A 75 -7.88 12.41 -63.39
N ALA A 76 -9.08 12.87 -63.74
CA ALA A 76 -10.09 13.16 -62.73
C ALA A 76 -10.44 11.92 -61.92
N LEU A 77 -10.36 10.75 -62.53
CA LEU A 77 -10.61 9.50 -61.84
C LEU A 77 -9.37 8.98 -61.12
N THR A 78 -8.18 9.42 -61.53
CA THR A 78 -6.96 8.99 -60.87
C THR A 78 -6.72 9.72 -59.56
N VAL A 79 -7.02 11.02 -59.52
CA VAL A 79 -6.71 11.83 -58.33
C VAL A 79 -7.53 11.37 -57.13
N ALA A 80 -8.81 11.06 -57.33
CA ALA A 80 -9.69 10.73 -56.21
C ALA A 80 -9.29 9.40 -55.61
N LEU A 81 -9.18 8.37 -56.44
CA LEU A 81 -8.77 7.06 -55.97
C LEU A 81 -7.44 7.13 -55.23
N ALA A 82 -6.45 7.81 -55.84
CA ALA A 82 -5.15 7.90 -55.16
C ALA A 82 -5.26 8.63 -53.83
N PHE A 83 -6.14 9.63 -53.72
CA PHE A 83 -6.33 10.32 -52.45
C PHE A 83 -6.91 9.38 -51.39
N VAL A 84 -7.98 8.66 -51.75
CA VAL A 84 -8.61 7.76 -50.80
C VAL A 84 -7.63 6.70 -50.32
N LEU A 85 -6.93 6.06 -51.26
CA LEU A 85 -5.93 5.06 -50.91
C LEU A 85 -4.86 5.64 -49.99
N ALA A 86 -4.36 6.83 -50.33
CA ALA A 86 -3.30 7.44 -49.53
C ALA A 86 -3.78 7.76 -48.13
N TYR A 87 -5.04 8.18 -47.99
CA TYR A 87 -5.54 8.57 -46.67
C TYR A 87 -5.77 7.34 -45.81
N ALA A 88 -6.51 6.36 -46.33
CA ALA A 88 -6.76 5.14 -45.58
C ALA A 88 -5.45 4.49 -45.15
N LEU A 89 -4.53 4.30 -46.10
CA LEU A 89 -3.24 3.70 -45.77
C LEU A 89 -2.46 4.56 -44.79
N GLY A 90 -2.49 5.89 -44.95
CA GLY A 90 -1.75 6.75 -44.04
C GLY A 90 -2.21 6.61 -42.61
N ARG A 91 -3.51 6.75 -42.38
CA ARG A 91 -4.04 6.60 -41.03
C ARG A 91 -3.77 5.21 -40.45
N PHE A 92 -4.02 4.16 -41.25
CA PHE A 92 -3.78 2.81 -40.73
C PHE A 92 -2.31 2.60 -40.41
N SER A 93 -1.41 3.11 -41.25
CA SER A 93 0.01 2.98 -41.01
C SER A 93 0.44 3.80 -39.81
N GLY A 94 -0.21 4.94 -39.57
CA GLY A 94 0.09 5.75 -38.42
C GLY A 94 -0.20 5.00 -37.15
N VAL A 95 -1.44 4.53 -37.02
CA VAL A 95 -1.80 3.79 -35.81
C VAL A 95 -0.96 2.52 -35.67
N LEU A 96 -0.70 1.84 -36.79
CA LEU A 96 0.13 0.63 -36.76
C LEU A 96 1.54 0.93 -36.27
N PHE A 97 2.13 2.03 -36.75
CA PHE A 97 3.47 2.42 -36.30
C PHE A 97 3.46 2.76 -34.82
N ASP A 98 2.45 3.49 -34.37
CA ASP A 98 2.36 3.85 -32.96
C ASP A 98 2.30 2.59 -32.08
N ASN A 99 1.40 1.66 -32.42
CA ASN A 99 1.28 0.42 -31.65
C ASN A 99 2.57 -0.40 -31.71
N LEU A 100 3.22 -0.45 -32.88
CA LEU A 100 4.49 -1.16 -32.98
C LEU A 100 5.55 -0.54 -32.08
N ARG A 101 5.62 0.80 -32.06
CA ARG A 101 6.49 1.50 -31.12
C ARG A 101 6.21 1.06 -29.69
N ASN A 102 4.94 1.05 -29.32
CA ASN A 102 4.56 0.62 -27.97
C ASN A 102 5.04 -0.80 -27.70
N ILE A 103 4.82 -1.73 -28.64
CA ILE A 103 5.14 -3.13 -28.41
C ILE A 103 6.65 -3.37 -28.40
N VAL A 104 7.43 -2.52 -29.08
CA VAL A 104 8.89 -2.67 -29.06
C VAL A 104 9.54 -1.86 -27.94
N PHE A 105 8.79 -0.99 -27.27
CA PHE A 105 9.31 -0.23 -26.15
C PHE A 105 8.83 -0.76 -24.80
N GLU A 106 7.79 -1.60 -24.80
CA GLU A 106 7.21 -2.07 -23.55
C GLU A 106 8.25 -2.79 -22.69
N ARG A 107 9.10 -3.63 -23.31
CA ARG A 107 10.10 -4.35 -22.55
C ARG A 107 11.10 -3.40 -21.89
N VAL A 108 11.51 -2.36 -22.61
CA VAL A 108 12.43 -1.37 -22.03
C VAL A 108 11.75 -0.63 -20.88
N GLY A 109 10.47 -0.29 -21.05
CA GLY A 109 9.75 0.41 -20.00
C GLY A 109 9.63 -0.43 -18.75
N GLN A 110 9.19 -1.68 -18.90
CA GLN A 110 9.07 -2.58 -17.77
C GLN A 110 10.41 -2.80 -17.09
N ASP A 111 11.48 -3.00 -17.87
CA ASP A 111 12.81 -3.14 -17.31
C ASP A 111 13.18 -1.92 -16.46
N ALA A 112 12.98 -0.72 -16.99
CA ALA A 112 13.27 0.50 -16.23
C ALA A 112 12.46 0.54 -14.94
N THR A 113 11.15 0.30 -15.03
CA THR A 113 10.29 0.29 -13.85
C THR A 113 10.80 -0.70 -12.79
N ARG A 114 11.10 -1.93 -13.23
CA ARG A 114 11.59 -2.95 -12.31
C ARG A 114 12.90 -2.53 -11.65
N HIS A 115 13.83 -1.99 -12.44
CA HIS A 115 15.12 -1.57 -11.88
C HIS A 115 14.93 -0.45 -10.85
N LEU A 116 14.01 0.48 -11.13
CA LEU A 116 13.73 1.54 -10.17
C LEU A 116 13.13 0.95 -8.89
N ALA A 117 12.14 0.07 -9.04
CA ALA A 117 11.49 -0.53 -7.88
C ALA A 117 12.49 -1.28 -7.02
N GLU A 118 13.34 -2.10 -7.66
CA GLU A 118 14.39 -2.82 -6.94
C GLU A 118 15.32 -1.87 -6.20
N ASN A 119 15.78 -0.80 -6.86
CA ASN A 119 16.64 0.17 -6.19
C ASN A 119 15.94 0.80 -5.00
N VAL A 120 14.67 1.18 -5.16
CA VAL A 120 13.90 1.75 -4.06
C VAL A 120 13.83 0.78 -2.89
N PHE A 121 13.52 -0.48 -3.18
CA PHE A 121 13.44 -1.50 -2.13
C PHE A 121 14.79 -1.67 -1.43
N ALA A 122 15.87 -1.75 -2.22
CA ALA A 122 17.20 -1.94 -1.65
C ALA A 122 17.59 -0.79 -0.74
N ARG A 123 17.23 0.45 -1.12
CA ARG A 123 17.51 1.58 -0.24
C ARG A 123 16.56 1.59 0.95
N LEU A 124 15.35 1.05 0.77
CA LEU A 124 14.37 0.99 1.84
C LEU A 124 14.82 0.06 2.95
N HIS A 125 15.54 -1.01 2.61
CA HIS A 125 16.10 -1.89 3.63
C HIS A 125 17.42 -1.39 4.20
N LYS A 126 17.95 -0.27 3.73
CA LYS A 126 19.19 0.28 4.26
C LYS A 126 18.97 1.52 5.10
N LEU A 127 17.72 1.86 5.41
CA LEU A 127 17.43 3.00 6.26
C LEU A 127 17.56 2.62 7.73
N SER A 128 17.83 3.62 8.57
CA SER A 128 18.06 3.37 9.98
C SER A 128 16.79 2.85 10.65
N LEU A 129 16.98 2.25 11.82
CA LEU A 129 15.85 1.73 12.58
C LEU A 129 14.93 2.85 13.05
N ARG A 130 15.47 4.05 13.24
CA ARG A 130 14.66 5.18 13.66
C ARG A 130 13.52 5.45 12.68
N PHE A 131 13.81 5.38 11.38
CA PHE A 131 12.78 5.59 10.37
C PHE A 131 11.69 4.54 10.49
N HIS A 132 12.07 3.25 10.41
CA HIS A 132 11.09 2.17 10.43
C HIS A 132 10.38 2.05 11.77
N LEU A 133 10.87 2.69 12.83
CA LEU A 133 10.15 2.75 14.09
C LEU A 133 9.16 3.91 14.12
N ALA A 134 9.54 5.06 13.57
CA ALA A 134 8.67 6.22 13.53
C ALA A 134 7.90 6.35 12.22
N ARG A 135 8.03 5.39 11.31
CA ARG A 135 7.38 5.50 10.02
C ARG A 135 5.87 5.31 10.13
N ARG A 136 5.15 5.84 9.14
CA ARG A 136 3.74 5.60 8.96
C ARG A 136 3.58 4.90 7.60
N THR A 137 3.20 3.61 7.64
CA THR A 137 3.22 2.79 6.44
C THR A 137 2.33 3.36 5.34
N GLY A 138 1.21 3.99 5.71
CA GLY A 138 0.27 4.51 4.72
C GLY A 138 0.83 5.60 3.83
N GLU A 139 1.33 6.68 4.42
CA GLU A 139 1.83 7.79 3.60
C GLU A 139 3.11 7.43 2.88
N VAL A 140 3.95 6.58 3.47
CA VAL A 140 5.16 6.15 2.80
C VAL A 140 4.81 5.27 1.60
N THR A 141 3.80 4.39 1.75
CA THR A 141 3.32 3.60 0.63
C THR A 141 2.74 4.50 -0.45
N LYS A 142 1.99 5.53 -0.04
CA LYS A 142 1.47 6.50 -1.00
C LYS A 142 2.59 7.14 -1.81
N VAL A 143 3.66 7.57 -1.12
CA VAL A 143 4.78 8.21 -1.80
C VAL A 143 5.44 7.23 -2.78
N ILE A 144 5.63 5.97 -2.35
CA ILE A 144 6.28 4.98 -3.20
C ILE A 144 5.46 4.73 -4.46
N GLU A 145 4.15 4.48 -4.29
CA GLU A 145 3.29 4.23 -5.43
C GLU A 145 3.22 5.45 -6.34
N ARG A 146 3.25 6.65 -5.77
CA ARG A 146 3.23 7.87 -6.56
C ARG A 146 4.47 7.97 -7.44
N GLY A 147 5.64 7.71 -6.85
CA GLY A 147 6.87 7.77 -7.64
C GLY A 147 6.91 6.72 -8.74
N THR A 148 6.47 5.50 -8.43
CA THR A 148 6.48 4.44 -9.44
C THR A 148 5.53 4.77 -10.59
N LYS A 149 4.28 5.14 -10.26
CA LYS A 149 3.32 5.53 -11.29
C LYS A 149 3.81 6.72 -12.10
N SER A 150 4.53 7.65 -11.45
CA SER A 150 5.04 8.81 -12.16
C SER A 150 6.11 8.41 -13.17
N ILE A 151 7.09 7.60 -12.74
CA ILE A 151 8.19 7.23 -13.63
C ILE A 151 7.70 6.38 -14.80
N ASP A 152 6.72 5.51 -14.56
CA ASP A 152 6.27 4.61 -15.62
C ASP A 152 5.75 5.38 -16.83
N THR A 153 4.92 6.40 -16.60
CA THR A 153 4.41 7.22 -17.69
C THR A 153 5.41 8.29 -18.10
N MSE A 154 6.29 8.72 -17.19
CA MSE A 154 7.22 9.80 -17.44
C MSE A 154 8.25 9.42 -18.49
O MSE A 154 8.56 10.21 -19.37
CB MSE A 154 7.91 10.22 -16.16
CG MSE A 154 8.56 11.61 -16.22
SE MSE A 154 9.80 11.93 -14.74
CE MSE A 154 11.39 11.09 -15.51
N LEU A 155 8.79 8.20 -18.38
CA LEU A 155 9.78 7.77 -19.37
C LEU A 155 9.14 7.69 -20.76
N TYR A 156 7.93 7.13 -20.84
CA TYR A 156 7.22 7.05 -22.11
C TYR A 156 6.99 8.43 -22.71
N PHE A 157 6.52 9.38 -21.90
CA PHE A 157 6.23 10.72 -22.41
C PHE A 157 7.51 11.44 -22.81
N LEU A 158 8.59 11.23 -22.07
CA LEU A 158 9.85 11.89 -22.40
C LEU A 158 10.44 11.34 -23.69
N LEU A 159 10.27 10.04 -23.95
CA LEU A 159 10.88 9.46 -25.14
C LEU A 159 10.00 9.51 -26.38
N PHE A 160 8.68 9.66 -26.23
CA PHE A 160 7.78 9.57 -27.37
C PHE A 160 6.89 10.79 -27.58
N ASN A 161 7.04 11.84 -26.78
CA ASN A 161 6.26 13.05 -26.99
C ASN A 161 7.16 14.28 -27.07
N ILE A 162 8.28 14.25 -26.34
CA ILE A 162 9.21 15.37 -26.37
C ILE A 162 10.01 15.36 -27.67
N ALA A 163 10.73 14.26 -27.92
CA ALA A 163 11.57 14.21 -29.12
C ALA A 163 10.77 14.23 -30.42
N PRO A 164 9.66 13.48 -30.56
CA PRO A 164 8.90 13.58 -31.83
C PRO A 164 8.37 14.97 -32.09
N THR A 165 7.81 15.63 -31.08
CA THR A 165 7.32 16.99 -31.27
C THR A 165 8.44 17.97 -31.55
N VAL A 166 9.62 17.77 -30.95
CA VAL A 166 10.75 18.65 -31.24
C VAL A 166 11.19 18.49 -32.69
N ILE A 167 11.31 17.25 -33.16
CA ILE A 167 11.70 17.02 -34.56
C ILE A 167 10.65 17.60 -35.50
N GLU A 168 9.37 17.39 -35.18
CA GLU A 168 8.30 17.91 -36.02
C GLU A 168 8.32 19.43 -36.06
N LEU A 169 8.57 20.06 -34.91
CA LEU A 169 8.63 21.51 -34.86
C LEU A 169 9.81 22.04 -35.65
N THR A 170 10.97 21.39 -35.56
CA THR A 170 12.12 21.82 -36.34
C THR A 170 11.83 21.73 -37.83
N ALA A 171 11.27 20.60 -38.27
CA ALA A 171 10.97 20.45 -39.70
C ALA A 171 9.90 21.45 -40.16
N VAL A 172 8.84 21.61 -39.38
CA VAL A 172 7.79 22.57 -39.71
C VAL A 172 8.36 23.98 -39.83
N ILE A 173 9.20 24.37 -38.87
CA ILE A 173 9.75 25.72 -38.87
C ILE A 173 10.66 25.93 -40.07
N VAL A 174 11.55 24.97 -40.34
CA VAL A 174 12.50 25.18 -41.43
C VAL A 174 11.81 25.17 -42.78
N ILE A 175 10.76 24.36 -42.95
CA ILE A 175 10.10 24.31 -44.26
C ILE A 175 9.14 25.48 -44.44
N PHE A 176 8.42 25.86 -43.39
CA PHE A 176 7.45 26.95 -43.44
C PHE A 176 8.08 28.34 -43.33
N TRP A 177 9.34 28.43 -42.93
CA TRP A 177 10.00 29.72 -42.83
C TRP A 177 10.38 30.28 -44.20
N LEU A 178 10.56 29.40 -45.19
CA LEU A 178 10.83 29.84 -46.55
C LEU A 178 9.56 30.15 -47.33
N ASN A 179 8.38 29.79 -46.80
CA ASN A 179 7.12 29.99 -47.49
C ASN A 179 6.26 31.09 -46.88
N PHE A 180 6.45 31.39 -45.60
CA PHE A 180 5.64 32.39 -44.91
C PHE A 180 6.55 33.50 -44.39
N GLY A 181 5.98 34.70 -44.33
CA GLY A 181 6.70 35.87 -43.84
C GLY A 181 7.03 35.82 -42.36
N LEU A 182 7.39 36.98 -41.80
CA LEU A 182 7.81 37.03 -40.41
C LEU A 182 6.62 37.15 -39.47
N GLY A 183 5.52 37.75 -39.92
CA GLY A 183 4.42 38.04 -39.02
C GLY A 183 3.81 36.78 -38.44
N LEU A 184 3.49 35.81 -39.29
CA LEU A 184 2.81 34.61 -38.80
C LEU A 184 3.71 33.78 -37.88
N VAL A 185 4.97 33.57 -38.27
CA VAL A 185 5.84 32.74 -37.46
C VAL A 185 6.20 33.41 -36.14
N THR A 186 6.46 34.72 -36.17
CA THR A 186 6.75 35.43 -34.93
C THR A 186 5.53 35.50 -34.03
N ALA A 187 4.34 35.70 -34.61
CA ALA A 187 3.11 35.65 -33.84
C ALA A 187 2.94 34.28 -33.20
N THR A 188 3.25 33.21 -33.92
CA THR A 188 3.11 31.87 -33.36
C THR A 188 4.09 31.64 -32.21
N ILE A 189 5.34 32.08 -32.36
CA ILE A 189 6.31 31.86 -31.28
C ILE A 189 5.95 32.71 -30.07
N LEU A 190 5.44 33.94 -30.29
CA LEU A 190 5.02 34.76 -29.17
C LEU A 190 3.77 34.18 -28.51
N ALA A 191 2.88 33.59 -29.29
CA ALA A 191 1.73 32.89 -28.72
C ALA A 191 2.18 31.72 -27.85
N VAL A 192 3.18 30.97 -28.32
CA VAL A 192 3.70 29.87 -27.53
C VAL A 192 4.38 30.40 -26.26
N ILE A 193 5.01 31.57 -26.33
CA ILE A 193 5.63 32.16 -25.14
C ILE A 193 4.56 32.56 -24.13
N ALA A 194 3.47 33.19 -24.60
CA ALA A 194 2.36 33.51 -23.71
C ALA A 194 1.74 32.25 -23.14
N TYR A 195 1.64 31.20 -23.95
CA TYR A 195 1.18 29.90 -23.47
C TYR A 195 2.07 29.39 -22.34
N VAL A 196 3.38 29.49 -22.51
CA VAL A 196 4.31 29.03 -21.48
C VAL A 196 4.14 29.86 -20.21
N TRP A 197 3.95 31.17 -20.36
CA TRP A 197 3.75 32.02 -19.19
C TRP A 197 2.49 31.65 -18.44
N THR A 198 1.39 31.45 -19.17
CA THR A 198 0.13 31.05 -18.54
C THR A 198 0.27 29.69 -17.86
N THR A 199 0.90 28.72 -18.53
CA THR A 199 1.08 27.40 -17.95
C THR A 199 1.91 27.47 -16.68
N ARG A 200 3.02 28.22 -16.71
CA ARG A 200 3.88 28.33 -15.54
C ARG A 200 3.15 29.01 -14.39
N THR A 201 2.40 30.08 -14.68
CA THR A 201 1.68 30.78 -13.60
C THR A 201 0.63 29.87 -12.98
N ILE A 202 -0.16 29.18 -13.80
CA ILE A 202 -1.22 28.34 -13.26
C ILE A 202 -0.64 27.14 -12.52
N THR A 203 0.48 26.59 -13.00
CA THR A 203 1.10 25.47 -12.31
C THR A 203 1.73 25.90 -10.98
N GLU A 204 2.32 27.09 -10.95
CA GLU A 204 2.86 27.62 -9.71
C GLU A 204 1.76 27.93 -8.72
N TRP A 205 0.56 28.26 -9.21
CA TRP A 205 -0.57 28.47 -8.32
C TRP A 205 -1.19 27.15 -7.86
N ARG A 206 -1.07 26.09 -8.66
CA ARG A 206 -1.68 24.80 -8.36
C ARG A 206 -0.78 23.88 -7.54
N THR A 207 0.53 24.12 -7.53
CA THR A 207 1.46 23.25 -6.80
C THR A 207 1.08 23.14 -5.33
N HIS A 208 0.63 24.24 -4.72
CA HIS A 208 0.25 24.21 -3.32
C HIS A 208 -0.91 23.25 -3.08
N LEU A 209 -1.97 23.37 -3.88
CA LEU A 209 -3.13 22.48 -3.73
C LEU A 209 -2.75 21.04 -4.00
N ARG A 210 -1.86 20.82 -4.99
CA ARG A 210 -1.43 19.46 -5.30
C ARG A 210 -0.71 18.83 -4.10
N GLU A 211 0.25 19.56 -3.54
CA GLU A 211 1.01 19.04 -2.40
C GLU A 211 0.10 18.83 -1.19
N LYS A 212 -0.85 19.73 -0.96
CA LYS A 212 -1.75 19.58 0.18
C LYS A 212 -2.65 18.37 0.01
N MSE A 213 -3.17 18.14 -1.21
CA MSE A 213 -3.98 16.97 -1.50
C MSE A 213 -3.18 15.69 -1.27
O MSE A 213 -3.68 14.72 -0.69
CB MSE A 213 -4.50 17.01 -2.94
CG MSE A 213 -5.09 15.71 -3.43
SE MSE A 213 -5.45 15.73 -5.35
CE MSE A 213 -5.96 13.86 -5.58
N ASN A 214 -1.93 15.70 -1.74
CA ASN A 214 -1.07 14.53 -1.55
C ASN A 214 -0.84 14.26 -0.06
N ARG A 215 -0.57 15.31 0.72
CA ARG A 215 -0.34 15.13 2.15
C ARG A 215 -1.60 14.60 2.85
N LEU A 216 -2.77 15.13 2.48
CA LEU A 216 -4.01 14.67 3.11
C LEU A 216 -4.30 13.22 2.76
N ASP A 217 -4.08 12.82 1.50
CA ASP A 217 -4.28 11.43 1.13
C ASP A 217 -3.32 10.51 1.85
N GLY A 218 -2.05 10.92 1.96
CA GLY A 218 -1.09 10.13 2.71
C GLY A 218 -1.48 9.96 4.16
N GLN A 219 -1.93 11.05 4.81
CA GLN A 219 -2.35 10.97 6.20
C GLN A 219 -3.58 10.08 6.36
N ALA A 220 -4.53 10.17 5.43
CA ALA A 220 -5.71 9.32 5.50
C ALA A 220 -5.34 7.85 5.40
N LEU A 221 -4.49 7.51 4.43
CA LEU A 221 -4.09 6.11 4.27
C LEU A 221 -3.27 5.63 5.46
N ALA A 222 -2.42 6.50 6.02
CA ALA A 222 -1.64 6.12 7.20
C ALA A 222 -2.57 5.84 8.38
N ARG A 223 -3.58 6.69 8.58
CA ARG A 223 -4.53 6.47 9.66
C ARG A 223 -5.30 5.16 9.45
N ALA A 224 -5.72 4.88 8.22
CA ALA A 224 -6.46 3.65 7.94
C ALA A 224 -5.59 2.43 8.22
N VAL A 225 -4.34 2.46 7.75
CA VAL A 225 -3.46 1.30 7.92
C VAL A 225 -3.11 1.12 9.40
N ASP A 226 -2.90 2.22 10.13
CA ASP A 226 -2.61 2.08 11.55
C ASP A 226 -3.81 1.57 12.33
N SER A 227 -5.02 1.92 11.90
CA SER A 227 -6.21 1.32 12.51
C SER A 227 -6.30 -0.17 12.20
N LEU A 228 -5.94 -0.56 10.98
CA LEU A 228 -6.02 -1.97 10.60
C LEU A 228 -4.94 -2.80 11.29
N LEU A 229 -3.77 -2.22 11.57
CA LEU A 229 -2.74 -2.92 12.31
C LEU A 229 -3.21 -3.22 13.74
N ASN A 230 -3.98 -2.31 14.32
CA ASN A 230 -4.55 -2.48 15.65
C ASN A 230 -5.95 -3.07 15.61
N TYR A 231 -6.24 -3.90 14.61
CA TYR A 231 -7.56 -4.55 14.52
C TYR A 231 -7.94 -5.20 15.84
N GLU A 232 -7.02 -5.96 16.44
CA GLU A 232 -7.32 -6.61 17.72
C GLU A 232 -7.55 -5.58 18.81
N THR A 233 -6.77 -4.49 18.81
CA THR A 233 -6.99 -3.44 19.79
C THR A 233 -8.34 -2.75 19.59
N VAL A 234 -8.72 -2.51 18.33
CA VAL A 234 -10.02 -1.91 18.05
C VAL A 234 -11.14 -2.84 18.51
N LYS A 235 -10.94 -4.15 18.37
CA LYS A 235 -11.95 -5.10 18.82
C LYS A 235 -11.98 -5.20 20.35
N TYR A 236 -10.85 -4.96 21.00
CA TYR A 236 -10.77 -5.13 22.45
C TYR A 236 -11.47 -4.03 23.22
N PHE A 237 -11.66 -2.85 22.61
CA PHE A 237 -12.26 -1.71 23.29
C PHE A 237 -13.50 -1.18 22.57
N GLY A 238 -14.13 -2.00 21.73
CA GLY A 238 -15.36 -1.65 21.06
C GLY A 238 -15.32 -0.34 20.30
N ALA A 239 -14.17 0.00 19.74
CA ALA A 239 -13.94 1.31 19.12
C ALA A 239 -13.99 1.25 17.60
N GLU A 240 -14.89 0.46 17.03
CA GLU A 240 -15.04 0.43 15.57
C GLU A 240 -15.53 1.77 15.04
N SER A 241 -16.59 2.32 15.66
CA SER A 241 -17.18 3.56 15.16
C SER A 241 -16.21 4.73 15.28
N ARG A 242 -15.39 4.76 16.34
CA ARG A 242 -14.41 5.83 16.49
C ARG A 242 -13.44 5.85 15.31
N GLU A 243 -12.86 4.69 14.98
CA GLU A 243 -11.92 4.62 13.87
C GLU A 243 -12.63 4.90 12.54
N GLU A 244 -13.87 4.43 12.40
CA GLU A 244 -14.64 4.71 11.19
C GLU A 244 -14.80 6.22 10.98
N ALA A 245 -15.21 6.93 12.04
CA ALA A 245 -15.41 8.38 11.92
C ALA A 245 -14.08 9.10 11.71
N ARG A 246 -13.02 8.63 12.35
CA ARG A 246 -11.69 9.23 12.15
C ARG A 246 -11.27 9.15 10.69
N TYR A 247 -11.38 7.94 10.11
CA TYR A 247 -11.04 7.78 8.70
C TYR A 247 -11.99 8.55 7.81
N ALA A 248 -13.27 8.66 8.20
CA ALA A 248 -14.23 9.41 7.39
C ALA A 248 -13.86 10.89 7.34
N SER A 249 -13.43 11.45 8.48
CA SER A 249 -12.97 12.82 8.51
C SER A 249 -11.77 13.02 7.58
N ALA A 250 -10.76 12.15 7.72
CA ALA A 250 -9.61 12.25 6.84
C ALA A 250 -10.01 12.11 5.37
N ALA A 251 -10.97 11.23 5.08
CA ALA A 251 -11.41 10.98 3.72
C ALA A 251 -12.10 12.20 3.13
N ARG A 252 -12.98 12.85 3.89
CA ARG A 252 -13.65 14.03 3.35
C ARG A 252 -12.69 15.20 3.21
N ALA A 253 -11.69 15.31 4.09
CA ALA A 253 -10.66 16.31 3.89
C ALA A 253 -9.93 16.08 2.56
N TYR A 254 -9.50 14.84 2.32
CA TYR A 254 -8.86 14.51 1.04
C TYR A 254 -9.81 14.75 -0.13
N ALA A 255 -11.10 14.51 0.05
CA ALA A 255 -12.06 14.73 -1.03
C ALA A 255 -12.14 16.20 -1.41
N ASP A 256 -12.21 17.07 -0.40
CA ASP A 256 -12.22 18.51 -0.68
C ASP A 256 -10.94 18.93 -1.39
N ALA A 257 -9.79 18.45 -0.91
CA ALA A 257 -8.52 18.81 -1.55
C ALA A 257 -8.48 18.33 -3.00
N ALA A 258 -8.98 17.12 -3.27
CA ALA A 258 -8.96 16.59 -4.62
C ALA A 258 -9.92 17.36 -5.53
N VAL A 259 -11.07 17.76 -5.01
CA VAL A 259 -11.99 18.59 -5.79
C VAL A 259 -11.30 19.89 -6.20
N LYS A 260 -10.62 20.53 -5.24
CA LYS A 260 -9.91 21.77 -5.56
C LYS A 260 -8.83 21.53 -6.62
N SER A 261 -8.06 20.46 -6.47
CA SER A 261 -6.98 20.18 -7.41
C SER A 261 -7.51 19.91 -8.81
N GLU A 262 -8.60 19.15 -8.93
CA GLU A 262 -9.15 18.84 -10.24
C GLU A 262 -9.79 20.07 -10.88
N ASN A 263 -10.39 20.96 -10.08
CA ASN A 263 -10.89 22.20 -10.64
C ASN A 263 -9.77 23.09 -11.15
N SER A 264 -8.64 23.12 -10.44
CA SER A 264 -7.48 23.86 -10.94
C SER A 264 -6.96 23.25 -12.23
N LEU A 265 -6.93 21.91 -12.32
CA LEU A 265 -6.55 21.24 -13.55
C LEU A 265 -7.47 21.63 -14.70
N GLY A 266 -8.77 21.65 -14.45
CA GLY A 266 -9.71 22.05 -15.49
C GLY A 266 -9.52 23.49 -15.94
N LEU A 267 -9.21 24.39 -14.99
CA LEU A 267 -8.93 25.77 -15.35
C LEU A 267 -7.69 25.88 -16.23
N LEU A 268 -6.62 25.15 -15.87
CA LEU A 268 -5.43 25.15 -16.71
C LEU A 268 -5.74 24.62 -18.10
N ASN A 269 -6.56 23.56 -18.18
CA ASN A 269 -6.89 22.99 -19.48
C ASN A 269 -7.70 23.96 -20.33
N ILE A 270 -8.67 24.66 -19.73
CA ILE A 270 -9.46 25.60 -20.52
C ILE A 270 -8.60 26.78 -20.98
N ALA A 271 -7.67 27.24 -20.14
CA ALA A 271 -6.78 28.31 -20.55
C ALA A 271 -5.91 27.88 -21.73
N GLN A 272 -5.32 26.69 -21.64
CA GLN A 272 -4.49 26.19 -22.73
C GLN A 272 -5.30 26.01 -24.00
N ALA A 273 -6.53 25.50 -23.88
CA ALA A 273 -7.37 25.32 -25.06
C ALA A 273 -7.75 26.66 -25.68
N LEU A 274 -8.03 27.67 -24.85
CA LEU A 274 -8.29 29.01 -25.37
C LEU A 274 -7.10 29.53 -26.17
N ILE A 275 -5.89 29.41 -25.60
CA ILE A 275 -4.71 29.88 -26.29
C ILE A 275 -4.54 29.17 -27.62
N VAL A 276 -4.64 27.83 -27.62
CA VAL A 276 -4.41 27.06 -28.83
C VAL A 276 -5.46 27.40 -29.89
N ASN A 277 -6.73 27.49 -29.50
CA ASN A 277 -7.78 27.74 -30.48
C ASN A 277 -7.72 29.16 -31.02
N LEU A 278 -7.35 30.13 -30.19
CA LEU A 278 -7.18 31.48 -30.72
C LEU A 278 -5.98 31.58 -31.64
N LEU A 279 -4.92 30.81 -31.36
CA LEU A 279 -3.78 30.78 -32.28
C LEU A 279 -4.19 30.15 -33.61
N MSE A 280 -5.00 29.10 -33.58
CA MSE A 280 -5.48 28.47 -34.80
C MSE A 280 -6.38 29.44 -35.57
O MSE A 280 -6.36 29.47 -36.80
CB MSE A 280 -6.23 27.17 -34.50
CG MSE A 280 -6.68 26.42 -35.75
SE MSE A 280 -6.86 24.51 -35.48
CE MSE A 280 -5.01 24.11 -34.98
N ALA A 281 -7.17 30.23 -34.84
CA ALA A 281 -7.99 31.25 -35.47
C ALA A 281 -7.13 32.29 -36.16
N GLY A 282 -6.08 32.76 -35.50
CA GLY A 282 -5.18 33.71 -36.11
C GLY A 282 -4.44 33.14 -37.32
N ALA A 283 -4.16 31.83 -37.29
CA ALA A 283 -3.49 31.19 -38.42
C ALA A 283 -4.45 30.93 -39.57
N MSE A 284 -5.73 30.78 -39.28
CA MSE A 284 -6.73 30.56 -40.32
C MSE A 284 -7.40 31.87 -40.74
O MSE A 284 -8.32 31.87 -41.55
CB MSE A 284 -7.79 29.55 -39.86
CG MSE A 284 -7.26 28.12 -39.73
SE MSE A 284 -8.62 26.89 -39.10
CE MSE A 284 -7.61 25.22 -39.24
N ALA A 285 -6.96 32.97 -40.15
CA ALA A 285 -7.46 34.29 -40.50
C ALA A 285 -6.47 35.13 -41.29
N TRP A 286 -5.18 35.04 -40.99
CA TRP A 286 -4.17 35.81 -41.72
C TRP A 286 -3.70 35.12 -42.99
N THR A 287 -4.09 33.86 -43.19
CA THR A 287 -3.73 33.12 -44.41
C THR A 287 -4.79 33.24 -45.49
N VAL A 288 -6.07 33.37 -45.11
CA VAL A 288 -7.16 33.47 -46.07
C VAL A 288 -7.40 34.92 -46.49
N TYR A 289 -6.61 35.86 -45.98
CA TYR A 289 -6.84 37.28 -46.17
C TYR A 289 -6.47 37.78 -47.58
N GLY A 290 -5.43 37.20 -48.19
CA GLY A 290 -4.93 37.73 -49.45
C GLY A 290 -5.92 37.59 -50.59
N TRP A 291 -6.43 36.38 -50.80
CA TRP A 291 -7.36 36.12 -51.89
C TRP A 291 -8.40 35.11 -51.41
N SER A 292 -9.47 34.98 -52.21
CA SER A 292 -10.49 33.99 -51.91
C SER A 292 -10.00 32.57 -52.16
N GLN A 293 -9.05 32.41 -53.08
CA GLN A 293 -8.52 31.10 -53.44
C GLN A 293 -7.19 30.78 -52.76
N GLY A 294 -6.31 31.77 -52.59
CA GLY A 294 -5.02 31.52 -51.98
C GLY A 294 -4.19 32.78 -51.81
N LYS A 295 -3.45 32.88 -50.71
CA LYS A 295 -2.72 34.10 -50.41
C LYS A 295 -1.40 34.16 -51.19
N LEU A 296 -0.59 33.10 -51.11
CA LEU A 296 0.71 33.10 -51.77
C LEU A 296 0.90 31.95 -52.75
N THR A 297 0.25 30.81 -52.55
CA THR A 297 0.39 29.68 -53.46
C THR A 297 -0.97 29.04 -53.68
N VAL A 298 -1.01 27.99 -54.51
CA VAL A 298 -2.27 27.40 -54.92
C VAL A 298 -2.93 26.62 -53.78
N GLY A 299 -2.13 26.01 -52.91
CA GLY A 299 -2.67 25.19 -51.84
C GLY A 299 -2.26 25.63 -50.45
N ASP A 300 -2.22 26.95 -50.22
CA ASP A 300 -1.81 27.47 -48.93
C ASP A 300 -2.74 27.01 -47.81
N LEU A 301 -4.05 27.17 -48.00
CA LEU A 301 -4.99 27.01 -46.89
C LEU A 301 -5.12 25.57 -46.43
N VAL A 302 -5.21 24.62 -47.37
CA VAL A 302 -5.40 23.23 -46.96
C VAL A 302 -4.11 22.64 -46.41
N PHE A 303 -2.97 22.97 -47.01
CA PHE A 303 -1.68 22.59 -46.44
C PHE A 303 -1.58 23.11 -44.99
N VAL A 304 -1.92 24.38 -44.80
CA VAL A 304 -1.83 24.99 -43.48
C VAL A 304 -2.74 24.28 -42.49
N ASN A 305 -3.99 24.00 -42.88
CA ASN A 305 -4.91 23.40 -41.92
C ASN A 305 -4.57 21.94 -41.64
N THR A 306 -4.06 21.20 -42.64
CA THR A 306 -3.62 19.83 -42.38
C THR A 306 -2.46 19.81 -41.40
N TYR A 307 -1.47 20.70 -41.60
CA TYR A 307 -0.37 20.74 -40.64
C TYR A 307 -0.82 21.29 -39.29
N LEU A 308 -1.82 22.17 -39.27
CA LEU A 308 -2.33 22.67 -38.01
C LEU A 308 -3.01 21.56 -37.21
N THR A 309 -3.78 20.70 -37.90
CA THR A 309 -4.40 19.57 -37.20
C THR A 309 -3.35 18.56 -36.76
N GLN A 310 -2.39 18.23 -37.62
CA GLN A 310 -1.35 17.27 -37.28
C GLN A 310 -0.32 17.84 -36.32
N LEU A 311 -0.40 19.13 -35.99
CA LEU A 311 0.35 19.71 -34.89
C LEU A 311 -0.47 19.88 -33.63
N PHE A 312 -1.77 20.17 -33.78
CA PHE A 312 -2.67 20.27 -32.64
C PHE A 312 -2.87 18.94 -31.94
N ARG A 313 -2.80 17.83 -32.69
CA ARG A 313 -2.91 16.53 -32.02
C ARG A 313 -1.72 16.29 -31.11
N PRO A 314 -0.46 16.44 -31.53
CA PRO A 314 0.64 16.34 -30.57
C PRO A 314 0.72 17.49 -29.59
N LEU A 315 0.21 18.67 -29.95
CA LEU A 315 0.23 19.80 -29.02
C LEU A 315 -0.75 19.59 -27.87
N ASP A 316 -1.94 19.08 -28.16
CA ASP A 316 -2.90 18.76 -27.10
C ASP A 316 -2.31 17.78 -26.09
N MSE A 317 -1.33 16.98 -26.52
CA MSE A 317 -0.60 16.10 -25.61
C MSE A 317 0.51 16.86 -24.89
O MSE A 317 0.75 16.64 -23.71
CB MSE A 317 -0.02 14.92 -26.38
CG MSE A 317 -1.04 14.12 -27.19
SE MSE A 317 -2.11 12.88 -26.14
CE MSE A 317 -3.55 14.07 -25.59
N LEU A 318 1.17 17.76 -25.63
CA LEU A 318 2.31 18.50 -25.07
C LEU A 318 1.89 19.34 -23.88
N GLY A 319 0.71 19.95 -23.94
CA GLY A 319 0.18 20.68 -22.79
C GLY A 319 -0.06 19.81 -21.57
N MSE A 320 0.07 18.50 -21.70
CA MSE A 320 -0.08 17.58 -20.58
C MSE A 320 1.27 16.91 -20.29
O MSE A 320 1.48 16.33 -19.23
CB MSE A 320 -1.15 16.55 -20.89
CG MSE A 320 -1.52 15.63 -19.73
SE MSE A 320 -2.91 14.36 -20.22
CE MSE A 320 -2.02 13.51 -21.73
N VAL A 321 2.19 17.02 -21.25
CA VAL A 321 3.49 16.34 -21.12
C VAL A 321 4.43 17.14 -20.24
N TYR A 322 4.39 18.47 -20.33
CA TYR A 322 5.26 19.29 -19.48
C TYR A 322 4.91 19.13 -18.01
N ARG A 323 3.63 19.24 -17.66
CA ARG A 323 3.25 19.09 -16.26
C ARG A 323 3.45 17.65 -15.78
N THR A 324 3.28 16.66 -16.68
CA THR A 324 3.50 15.28 -16.26
C THR A 324 4.95 15.02 -15.90
N ILE A 325 5.88 15.44 -16.77
CA ILE A 325 7.29 15.24 -16.46
C ILE A 325 7.73 16.11 -15.30
N ARG A 326 7.20 17.34 -15.21
CA ARG A 326 7.53 18.22 -14.09
C ARG A 326 7.11 17.63 -12.76
N GLN A 327 5.84 17.24 -12.63
CA GLN A 327 5.35 16.68 -11.37
C GLN A 327 5.94 15.30 -11.12
N GLY A 328 6.23 14.52 -12.16
CA GLY A 328 6.86 13.23 -11.95
C GLY A 328 8.28 13.36 -11.43
N LEU A 329 9.05 14.29 -12.00
CA LEU A 329 10.40 14.55 -11.49
C LEU A 329 10.36 15.18 -10.10
N ILE A 330 9.35 16.01 -9.80
CA ILE A 330 9.31 16.60 -8.47
C ILE A 330 8.84 15.58 -7.43
N ASP A 331 7.98 14.64 -7.81
CA ASP A 331 7.60 13.57 -6.89
C ASP A 331 8.72 12.55 -6.74
N MSE A 332 9.50 12.34 -7.79
CA MSE A 332 10.71 11.54 -7.72
C MSE A 332 11.70 12.22 -6.78
O MSE A 332 12.37 11.57 -6.00
CB MSE A 332 11.31 11.38 -9.12
CG MSE A 332 12.19 10.16 -9.29
SE MSE A 332 12.01 9.47 -11.09
CE MSE A 332 10.06 9.60 -11.21
N ALA A 333 11.78 13.55 -6.89
CA ALA A 333 12.62 14.32 -5.99
C ALA A 333 12.15 14.18 -4.56
N GLU A 334 10.83 14.20 -4.33
CA GLU A 334 10.30 14.00 -2.98
C GLU A 334 10.64 12.61 -2.45
N MSE A 335 10.37 11.57 -3.24
CA MSE A 335 10.64 10.21 -2.83
C MSE A 335 12.11 9.99 -2.53
O MSE A 335 12.47 9.55 -1.45
CB MSE A 335 10.19 9.20 -3.89
CG MSE A 335 10.60 7.78 -3.55
SE MSE A 335 10.76 6.57 -5.08
CE MSE A 335 8.88 6.12 -5.31
N PHE A 336 12.97 10.30 -3.50
CA PHE A 336 14.40 10.09 -3.33
C PHE A 336 15.02 11.06 -2.35
N ARG A 337 14.38 12.21 -2.10
CA ARG A 337 14.80 13.11 -1.04
C ARG A 337 14.52 12.48 0.32
N LEU A 338 13.32 11.92 0.50
CA LEU A 338 12.98 11.22 1.74
C LEU A 338 13.87 10.00 1.94
N ILE A 339 14.19 9.30 0.85
CA ILE A 339 14.99 8.08 0.95
C ILE A 339 16.44 8.44 1.24
N ASP A 340 16.96 9.44 0.55
CA ASP A 340 18.35 9.88 0.65
C ASP A 340 18.59 10.70 1.92
N THR A 341 17.56 10.98 2.70
CA THR A 341 17.75 11.67 3.96
C THR A 341 18.78 10.93 4.78
N HIS A 342 19.91 11.59 5.00
CA HIS A 342 21.16 10.92 5.39
C HIS A 342 20.91 9.94 6.53
N ILE A 343 21.25 8.68 6.28
CA ILE A 343 20.99 7.62 7.24
C ILE A 343 21.85 7.84 8.49
N GLU A 344 21.49 7.13 9.56
CA GLU A 344 22.09 7.37 10.85
C GLU A 344 23.43 6.65 10.99
N VAL A 345 23.44 5.34 10.79
CA VAL A 345 24.64 4.52 10.95
C VAL A 345 25.17 4.18 9.56
N ALA A 346 26.46 4.46 9.34
CA ALA A 346 27.10 4.19 8.06
C ALA A 346 28.53 3.72 8.32
N ASP A 347 29.08 3.00 7.34
CA ASP A 347 30.44 2.49 7.45
C ASP A 347 31.45 3.60 7.20
N VAL A 348 32.57 3.53 7.92
CA VAL A 348 33.68 4.46 7.72
C VAL A 348 34.34 4.13 6.39
N PRO A 349 35.01 5.07 5.74
CA PRO A 349 35.66 4.76 4.46
C PRO A 349 36.74 3.70 4.63
N ASN A 350 36.71 2.69 3.75
CA ASN A 350 37.65 1.57 3.79
C ASN A 350 37.60 0.87 5.15
N ALA A 351 36.40 0.45 5.52
CA ALA A 351 36.20 -0.16 6.83
C ALA A 351 36.60 -1.63 6.79
N PRO A 352 37.45 -2.09 7.71
CA PRO A 352 37.79 -3.52 7.75
C PRO A 352 36.65 -4.37 8.30
N ALA A 353 36.84 -5.68 8.32
CA ALA A 353 35.84 -6.59 8.86
C ALA A 353 36.12 -6.90 10.32
N LEU A 354 35.14 -7.51 10.98
CA LEU A 354 35.28 -7.90 12.38
C LEU A 354 35.91 -9.29 12.46
N VAL A 355 37.01 -9.40 13.21
CA VAL A 355 37.74 -10.64 13.38
C VAL A 355 37.58 -11.06 14.84
N VAL A 356 36.66 -11.99 15.09
CA VAL A 356 36.31 -12.39 16.46
C VAL A 356 37.23 -13.55 16.83
N ASN A 357 38.39 -13.22 17.38
CA ASN A 357 39.26 -14.25 17.96
C ASN A 357 38.89 -14.56 19.41
N ARG A 358 38.46 -13.55 20.16
CA ARG A 358 38.00 -13.70 21.54
C ARG A 358 36.77 -12.82 21.76
N PRO A 359 35.57 -13.41 21.85
CA PRO A 359 34.35 -12.61 21.98
C PRO A 359 34.21 -11.93 23.34
N SER A 360 34.95 -10.85 23.54
CA SER A 360 34.90 -10.07 24.77
C SER A 360 34.38 -8.70 24.39
N VAL A 361 33.20 -8.35 24.90
CA VAL A 361 32.56 -7.09 24.57
C VAL A 361 32.84 -6.10 25.69
N THR A 362 33.02 -4.84 25.31
CA THR A 362 33.43 -3.79 26.24
C THR A 362 32.69 -2.51 25.91
N PHE A 363 31.75 -2.14 26.77
CA PHE A 363 31.09 -0.84 26.71
C PHE A 363 31.97 0.13 27.48
N ASP A 364 32.61 1.06 26.76
CA ASP A 364 33.55 2.00 27.36
C ASP A 364 32.90 3.38 27.39
N ASN A 365 32.41 3.76 28.57
CA ASN A 365 31.85 5.09 28.82
C ASN A 365 30.73 5.42 27.83
N VAL A 366 29.87 4.45 27.57
CA VAL A 366 28.82 4.63 26.57
C VAL A 366 27.78 5.60 27.11
N VAL A 367 27.60 6.71 26.40
CA VAL A 367 26.55 7.68 26.68
C VAL A 367 25.66 7.74 25.44
N PHE A 368 24.37 7.54 25.64
CA PHE A 368 23.46 7.47 24.50
C PHE A 368 22.05 7.85 24.91
N GLY A 369 21.35 8.47 23.99
CA GLY A 369 19.92 8.67 24.10
C GLY A 369 19.29 8.57 22.73
N TYR A 370 18.10 7.99 22.65
CA TYR A 370 17.44 7.86 21.36
C TYR A 370 17.10 9.24 20.79
N ASP A 371 16.44 10.07 21.59
CA ASP A 371 16.20 11.46 21.25
C ASP A 371 17.05 12.36 22.14
N ARG A 372 17.35 13.55 21.64
CA ARG A 372 18.22 14.46 22.38
C ARG A 372 17.55 15.04 23.63
N ASP A 373 16.23 14.93 23.73
CA ASP A 373 15.52 15.46 24.88
C ASP A 373 15.47 14.50 26.07
N ARG A 374 16.00 13.28 25.92
CA ARG A 374 15.99 12.31 27.01
C ARG A 374 17.20 11.39 26.84
N GLU A 375 18.17 11.55 27.73
CA GLU A 375 19.32 10.67 27.80
C GLU A 375 18.96 9.37 28.52
N ILE A 376 19.37 8.25 27.94
CA ILE A 376 19.05 6.93 28.48
C ILE A 376 20.26 6.29 29.18
N LEU A 377 21.42 6.29 28.52
CA LEU A 377 22.62 5.70 29.08
C LEU A 377 23.59 6.79 29.49
N HIS A 378 24.02 6.77 30.76
CA HIS A 378 24.88 7.80 31.33
C HIS A 378 26.22 7.15 31.69
N GLY A 379 27.18 7.24 30.75
CA GLY A 379 28.51 6.74 30.98
C GLY A 379 28.57 5.26 31.34
N LEU A 380 27.93 4.43 30.53
CA LEU A 380 27.87 3.00 30.81
C LEU A 380 29.18 2.33 30.40
N SER A 381 29.76 1.55 31.32
CA SER A 381 31.00 0.83 31.07
C SER A 381 30.92 -0.53 31.72
N PHE A 382 31.11 -1.58 30.91
CA PHE A 382 31.18 -2.93 31.47
C PHE A 382 31.94 -3.83 30.50
N GLU A 383 32.59 -4.84 31.07
CA GLU A 383 33.43 -5.79 30.33
C GLU A 383 32.82 -7.18 30.44
N VAL A 384 32.13 -7.61 29.38
CA VAL A 384 31.67 -8.98 29.25
C VAL A 384 32.85 -9.81 28.75
N ALA A 385 33.35 -10.72 29.58
CA ALA A 385 34.56 -11.47 29.28
C ALA A 385 34.34 -12.45 28.13
N ALA A 386 35.43 -12.78 27.46
CA ALA A 386 35.38 -13.69 26.33
C ALA A 386 35.01 -15.09 26.79
N GLY A 387 33.98 -15.66 26.15
CA GLY A 387 33.54 -17.01 26.48
C GLY A 387 32.81 -17.14 27.79
N SER A 388 32.36 -16.06 28.39
CA SER A 388 31.61 -16.10 29.63
C SER A 388 30.11 -16.03 29.36
N ARG A 389 29.33 -16.23 30.41
CA ARG A 389 27.87 -16.23 30.34
C ARG A 389 27.38 -15.13 31.28
N VAL A 390 27.17 -13.93 30.74
CA VAL A 390 26.84 -12.75 31.52
C VAL A 390 25.35 -12.47 31.40
N ALA A 391 24.72 -12.15 32.53
CA ALA A 391 23.32 -11.78 32.56
C ALA A 391 23.18 -10.28 32.75
N ILE A 392 22.10 -9.72 32.19
CA ILE A 392 21.77 -8.31 32.34
C ILE A 392 20.38 -8.22 32.95
N VAL A 393 20.30 -7.65 34.15
CA VAL A 393 19.04 -7.53 34.88
C VAL A 393 18.86 -6.09 35.31
N GLY A 394 17.67 -5.79 35.83
CA GLY A 394 17.33 -4.46 36.27
C GLY A 394 15.86 -4.15 36.08
N PRO A 395 15.40 -3.04 36.63
CA PRO A 395 13.99 -2.68 36.49
C PRO A 395 13.63 -2.29 35.06
N SER A 396 12.33 -2.37 34.77
CA SER A 396 11.82 -1.99 33.47
C SER A 396 12.09 -0.52 33.18
N GLY A 397 12.60 -0.24 31.97
CA GLY A 397 12.95 1.10 31.58
C GLY A 397 14.39 1.48 31.84
N ALA A 398 15.18 0.60 32.46
CA ALA A 398 16.57 0.91 32.77
C ALA A 398 17.42 1.08 31.52
N GLY A 399 16.99 0.52 30.39
CA GLY A 399 17.77 0.65 29.17
C GLY A 399 18.62 -0.57 28.86
N LYS A 400 18.03 -1.77 28.92
CA LYS A 400 18.74 -2.99 28.59
C LYS A 400 18.66 -3.32 27.11
N SER A 401 17.46 -3.27 26.53
CA SER A 401 17.36 -3.44 25.07
C SER A 401 18.12 -2.37 24.33
N THR A 402 18.40 -1.25 24.99
CA THR A 402 19.27 -0.23 24.42
C THR A 402 20.70 -0.72 24.32
N ILE A 403 21.15 -1.49 25.31
CA ILE A 403 22.47 -2.11 25.23
C ILE A 403 22.54 -3.05 24.03
N ALA A 404 21.49 -3.85 23.83
CA ALA A 404 21.47 -4.76 22.68
C ALA A 404 21.47 -3.99 21.36
N ARG A 405 20.63 -2.96 21.26
CA ARG A 405 20.53 -2.20 20.02
C ARG A 405 21.83 -1.45 19.72
N LEU A 406 22.50 -0.94 20.74
CA LEU A 406 23.78 -0.28 20.53
C LEU A 406 24.86 -1.28 20.18
N LEU A 407 24.78 -2.50 20.73
CA LEU A 407 25.73 -3.55 20.36
C LEU A 407 25.57 -3.93 18.90
N PHE A 408 24.33 -3.96 18.40
CA PHE A 408 24.06 -4.21 16.99
C PHE A 408 24.30 -2.99 16.12
N ARG A 409 24.60 -1.83 16.73
CA ARG A 409 24.85 -0.58 16.02
C ARG A 409 23.63 -0.16 15.19
N PHE A 410 22.44 -0.35 15.76
CA PHE A 410 21.27 0.30 15.18
C PHE A 410 21.34 1.81 15.35
N TYR A 411 21.92 2.25 16.46
CA TYR A 411 22.21 3.67 16.69
C TYR A 411 23.68 3.80 17.08
N ASP A 412 24.20 5.00 16.90
CA ASP A 412 25.56 5.21 17.39
C ASP A 412 25.51 5.96 18.71
N PRO A 413 26.44 5.66 19.63
CA PRO A 413 26.42 6.33 20.93
C PRO A 413 26.84 7.78 20.84
N TRP A 414 26.39 8.57 21.82
CA TRP A 414 26.80 9.96 21.89
C TRP A 414 28.25 10.08 22.34
N GLU A 415 28.60 9.43 23.45
CA GLU A 415 29.97 9.36 23.94
C GLU A 415 30.35 7.91 24.19
N GLY A 416 31.64 7.67 24.37
CA GLY A 416 32.12 6.33 24.59
C GLY A 416 32.08 5.50 23.31
N ARG A 417 32.34 4.20 23.48
CA ARG A 417 32.38 3.30 22.34
C ARG A 417 32.06 1.87 22.79
N ILE A 418 31.93 0.99 21.81
CA ILE A 418 31.63 -0.42 22.02
C ILE A 418 32.67 -1.24 21.28
N LEU A 419 33.26 -2.21 21.98
CA LEU A 419 34.33 -3.04 21.42
C LEU A 419 33.91 -4.50 21.45
N ILE A 420 34.22 -5.21 20.37
CA ILE A 420 34.12 -6.67 20.30
C ILE A 420 35.53 -7.17 20.01
N ASP A 421 36.14 -7.84 20.99
CA ASP A 421 37.52 -8.29 20.91
C ASP A 421 38.47 -7.12 20.64
N GLY A 422 38.30 -6.04 21.40
CA GLY A 422 39.16 -4.89 21.27
C GLY A 422 39.02 -4.11 19.99
N GLN A 423 38.01 -4.38 19.18
CA GLN A 423 37.80 -3.72 17.90
C GLN A 423 36.60 -2.78 18.01
N ASP A 424 36.79 -1.53 17.61
CA ASP A 424 35.73 -0.54 17.71
C ASP A 424 34.59 -0.90 16.75
N ILE A 425 33.38 -1.00 17.29
CA ILE A 425 32.21 -1.31 16.48
C ILE A 425 31.96 -0.20 15.47
N ALA A 426 32.27 1.05 15.83
CA ALA A 426 32.03 2.18 14.95
C ALA A 426 32.96 2.20 13.74
N HIS A 427 34.08 1.48 13.80
CA HIS A 427 35.09 1.51 12.74
C HIS A 427 35.14 0.19 11.96
N VAL A 428 34.08 -0.60 12.01
CA VAL A 428 34.00 -1.87 11.29
C VAL A 428 32.71 -1.88 10.49
N THR A 429 32.69 -2.67 9.41
CA THR A 429 31.51 -2.77 8.57
C THR A 429 30.34 -3.32 9.37
N GLN A 430 29.13 -2.82 9.06
CA GLN A 430 27.94 -3.26 9.76
C GLN A 430 27.64 -4.72 9.50
N THR A 431 27.93 -5.21 8.28
CA THR A 431 27.59 -6.58 7.93
C THR A 431 28.42 -7.58 8.72
N SER A 432 29.74 -7.36 8.78
CA SER A 432 30.60 -8.24 9.55
C SER A 432 30.28 -8.19 11.04
N LEU A 433 29.86 -7.03 11.54
CA LEU A 433 29.45 -6.92 12.94
C LEU A 433 28.19 -7.74 13.20
N ARG A 434 27.15 -7.52 12.41
CA ARG A 434 25.89 -8.23 12.63
C ARG A 434 25.99 -9.72 12.32
N ALA A 435 27.00 -10.13 11.53
CA ALA A 435 27.22 -11.56 11.32
C ALA A 435 27.78 -12.23 12.56
N ALA A 436 28.58 -11.52 13.34
CA ALA A 436 29.16 -12.06 14.57
C ALA A 436 28.19 -12.06 15.74
N LEU A 437 26.96 -11.62 15.54
CA LEU A 437 25.97 -11.51 16.61
C LEU A 437 24.68 -12.21 16.22
N GLY A 438 24.11 -12.94 17.15
CA GLY A 438 22.81 -13.55 16.95
C GLY A 438 21.91 -13.25 18.12
N ILE A 439 20.69 -12.79 17.86
CA ILE A 439 19.83 -12.22 18.87
C ILE A 439 18.46 -12.89 18.81
N VAL A 440 17.95 -13.28 19.98
CA VAL A 440 16.55 -13.63 20.15
C VAL A 440 15.84 -12.40 20.73
N PRO A 441 15.02 -11.70 19.96
CA PRO A 441 14.58 -10.36 20.38
C PRO A 441 13.43 -10.41 21.38
N GLN A 442 13.24 -9.27 22.04
CA GLN A 442 12.13 -9.10 22.97
C GLN A 442 10.79 -9.27 22.25
N ASP A 443 10.58 -8.50 21.19
CA ASP A 443 9.38 -8.57 20.37
C ASP A 443 9.78 -9.22 19.05
N SER A 444 9.50 -10.50 18.92
CA SER A 444 9.91 -11.27 17.75
C SER A 444 8.82 -11.25 16.69
N VAL A 445 9.24 -11.12 15.43
CA VAL A 445 8.33 -11.11 14.30
C VAL A 445 8.78 -12.18 13.32
N LEU A 446 7.82 -12.91 12.75
CA LEU A 446 8.10 -13.94 11.76
C LEU A 446 7.55 -13.51 10.40
N PHE A 447 8.12 -14.09 9.35
CA PHE A 447 7.62 -13.85 8.01
C PHE A 447 6.33 -14.64 7.77
N ASN A 448 5.45 -14.07 6.95
CA ASN A 448 4.18 -14.73 6.68
C ASN A 448 4.42 -15.93 5.77
N ASP A 449 4.98 -16.99 6.33
CA ASP A 449 5.36 -18.18 5.58
C ASP A 449 5.23 -19.37 6.54
N THR A 450 5.86 -20.49 6.18
CA THR A 450 5.81 -21.68 7.01
C THR A 450 6.84 -21.60 8.14
N ILE A 451 6.72 -22.53 9.09
CA ILE A 451 7.66 -22.58 10.22
C ILE A 451 9.06 -22.88 9.72
N GLY A 452 9.18 -23.83 8.79
CA GLY A 452 10.49 -24.23 8.31
C GLY A 452 11.26 -23.10 7.66
N TYR A 453 10.56 -22.23 6.93
CA TYR A 453 11.22 -21.08 6.32
C TYR A 453 11.82 -20.17 7.38
N ASN A 454 11.04 -19.84 8.42
CA ASN A 454 11.55 -18.98 9.48
C ASN A 454 12.73 -19.63 10.20
N ILE A 455 12.65 -20.93 10.47
CA ILE A 455 13.74 -21.58 11.18
C ILE A 455 15.00 -21.62 10.32
N ALA A 456 14.88 -21.95 9.04
CA ALA A 456 16.02 -21.97 8.15
C ALA A 456 16.54 -20.58 7.80
N TYR A 457 15.77 -19.53 8.09
CA TYR A 457 16.19 -18.17 7.78
C TYR A 457 17.50 -17.78 8.47
N GLY A 458 17.91 -18.51 9.50
CA GLY A 458 19.12 -18.19 10.23
C GLY A 458 20.37 -18.12 9.37
N ARG A 459 20.77 -19.26 8.81
CA ARG A 459 21.91 -19.33 7.92
C ARG A 459 21.45 -19.21 6.47
N ASP A 460 22.36 -18.74 5.62
CA ASP A 460 22.11 -18.68 4.18
C ASP A 460 22.27 -20.09 3.61
N GLY A 461 21.16 -20.69 3.17
CA GLY A 461 21.19 -22.05 2.68
C GLY A 461 21.42 -23.07 3.78
N ALA A 462 20.46 -23.22 4.67
CA ALA A 462 20.57 -24.16 5.78
C ALA A 462 20.02 -25.52 5.37
N SER A 463 20.75 -26.57 5.75
CA SER A 463 20.33 -27.93 5.43
C SER A 463 19.22 -28.37 6.35
N ARG A 464 18.36 -29.26 5.85
CA ARG A 464 17.25 -29.78 6.63
C ARG A 464 17.73 -30.43 7.93
N ALA A 465 18.92 -31.01 7.92
CA ALA A 465 19.50 -31.57 9.14
C ALA A 465 19.68 -30.49 10.20
N GLU A 466 20.28 -29.36 9.82
CA GLU A 466 20.49 -28.27 10.76
C GLU A 466 19.17 -27.71 11.26
N VAL A 467 18.17 -27.61 10.37
CA VAL A 467 16.87 -27.08 10.78
C VAL A 467 16.20 -28.03 11.78
N ASP A 468 16.29 -29.34 11.55
CA ASP A 468 15.74 -30.30 12.50
C ASP A 468 16.49 -30.27 13.82
N ALA A 469 17.81 -30.09 13.77
CA ALA A 469 18.60 -29.98 15.00
C ALA A 469 18.19 -28.76 15.81
N ALA A 470 17.98 -27.63 15.14
CA ALA A 470 17.54 -26.42 15.83
C ALA A 470 16.14 -26.60 16.40
N ALA A 471 15.23 -27.23 15.64
CA ALA A 471 13.89 -27.47 16.14
C ALA A 471 13.90 -28.42 17.32
N LYS A 472 14.90 -29.31 17.40
CA LYS A 472 15.02 -30.17 18.57
C LYS A 472 15.58 -29.41 19.76
N GLY A 473 16.59 -28.56 19.52
CA GLY A 473 17.14 -27.75 20.59
C GLY A 473 16.22 -26.63 21.06
N ALA A 474 15.13 -26.38 20.36
CA ALA A 474 14.19 -25.33 20.72
C ALA A 474 12.87 -25.89 21.24
N ALA A 475 12.86 -27.16 21.65
CA ALA A 475 11.68 -27.81 22.25
C ALA A 475 10.45 -27.74 21.35
N ILE A 476 10.63 -27.48 20.06
CA ILE A 476 9.51 -27.46 19.11
C ILE A 476 9.46 -28.69 18.23
N ALA A 477 10.45 -29.59 18.31
CA ALA A 477 10.52 -30.71 17.39
C ALA A 477 9.27 -31.60 17.50
N ASP A 478 8.92 -31.99 18.73
CA ASP A 478 7.75 -32.84 18.92
C ASP A 478 6.48 -32.12 18.49
N PHE A 479 6.39 -30.82 18.77
CA PHE A 479 5.22 -30.04 18.39
C PHE A 479 5.06 -29.99 16.87
N ILE A 480 6.13 -29.64 16.15
CA ILE A 480 6.07 -29.58 14.70
C ILE A 480 5.81 -30.96 14.11
N ALA A 481 6.36 -32.00 14.74
CA ALA A 481 6.12 -33.36 14.26
C ALA A 481 4.66 -33.75 14.41
N ARG A 482 4.02 -33.32 15.49
CA ARG A 482 2.59 -33.56 15.68
C ARG A 482 1.72 -32.64 14.84
N LEU A 483 2.30 -31.68 14.13
CA LEU A 483 1.51 -30.81 13.25
C LEU A 483 1.15 -31.55 11.97
N PRO A 484 -0.09 -31.42 11.49
CA PRO A 484 -0.47 -32.12 10.25
C PRO A 484 0.38 -31.70 9.05
N GLN A 485 0.68 -30.41 8.91
CA GLN A 485 1.53 -29.93 7.83
C GLN A 485 2.99 -29.83 8.25
N GLY A 486 3.32 -30.18 9.49
CA GLY A 486 4.68 -30.16 9.98
C GLY A 486 5.40 -28.85 9.76
N TYR A 487 6.54 -28.88 9.08
CA TYR A 487 7.30 -27.68 8.80
C TYR A 487 6.58 -26.74 7.84
N ASP A 488 5.47 -27.16 7.26
CA ASP A 488 4.74 -26.35 6.29
C ASP A 488 3.49 -25.70 6.87
N THR A 489 3.31 -25.76 8.19
CA THR A 489 2.19 -25.06 8.81
C THR A 489 2.36 -23.55 8.68
N GLU A 490 1.27 -22.86 8.39
CA GLU A 490 1.31 -21.41 8.24
C GLU A 490 1.43 -20.74 9.60
N VAL A 491 2.18 -19.65 9.65
CA VAL A 491 2.31 -18.85 10.87
C VAL A 491 1.59 -17.53 10.79
N GLY A 492 1.12 -17.12 9.61
CA GLY A 492 0.40 -15.87 9.47
C GLY A 492 1.30 -14.66 9.52
N GLU A 493 0.65 -13.49 9.50
CA GLU A 493 1.39 -12.23 9.54
C GLU A 493 1.98 -12.02 10.93
N ARG A 494 3.27 -11.70 10.97
CA ARG A 494 4.06 -11.53 12.20
C ARG A 494 4.18 -12.81 13.00
N GLY A 495 3.75 -13.94 12.46
CA GLY A 495 3.78 -15.18 13.19
C GLY A 495 2.70 -15.31 14.25
N LEU A 496 1.58 -14.61 14.07
CA LEU A 496 0.53 -14.57 15.08
C LEU A 496 -0.42 -15.76 15.01
N LYS A 497 -0.26 -16.66 14.04
CA LYS A 497 -1.06 -17.88 14.04
C LYS A 497 -0.44 -18.96 14.93
N LEU A 498 0.76 -18.72 15.44
CA LEU A 498 1.38 -19.55 16.46
C LEU A 498 1.25 -18.87 17.82
N SER A 499 1.43 -19.65 18.88
CA SER A 499 1.38 -19.10 20.23
C SER A 499 2.60 -18.22 20.49
N GLY A 500 2.57 -17.56 21.65
CA GLY A 500 3.71 -16.74 22.03
C GLY A 500 4.94 -17.57 22.33
N GLY A 501 4.76 -18.65 23.10
CA GLY A 501 5.88 -19.53 23.40
C GLY A 501 6.39 -20.25 22.17
N GLU A 502 5.47 -20.66 21.29
CA GLU A 502 5.89 -21.29 20.03
C GLU A 502 6.70 -20.33 19.18
N LYS A 503 6.28 -19.07 19.10
CA LYS A 503 7.05 -18.08 18.36
C LYS A 503 8.40 -17.82 19.00
N GLN A 504 8.44 -17.76 20.34
CA GLN A 504 9.71 -17.61 21.04
C GLN A 504 10.67 -18.73 20.68
N ARG A 505 10.18 -19.98 20.73
CA ARG A 505 11.03 -21.12 20.41
C ARG A 505 11.43 -21.13 18.94
N VAL A 506 10.56 -20.63 18.05
CA VAL A 506 10.93 -20.52 16.65
C VAL A 506 12.07 -19.51 16.47
N ALA A 507 12.01 -18.39 17.18
CA ALA A 507 13.10 -17.41 17.11
C ALA A 507 14.40 -18.01 17.66
N ILE A 508 14.29 -18.79 18.75
CA ILE A 508 15.46 -19.49 19.28
C ILE A 508 16.03 -20.45 18.23
N ALA A 509 15.15 -21.13 17.50
CA ALA A 509 15.61 -22.03 16.44
C ALA A 509 16.33 -21.27 15.34
N ARG A 510 15.82 -20.08 14.98
CA ARG A 510 16.50 -19.25 14.00
C ARG A 510 17.91 -18.89 14.47
N THR A 511 18.02 -18.37 15.69
CA THR A 511 19.32 -17.95 16.20
C THR A 511 20.27 -19.13 16.40
N LEU A 512 19.74 -20.34 16.60
CA LEU A 512 20.61 -21.51 16.66
C LEU A 512 21.09 -21.90 15.27
N VAL A 513 20.20 -21.85 14.28
CA VAL A 513 20.59 -22.12 12.90
C VAL A 513 21.70 -21.18 12.46
N LYS A 514 21.59 -19.90 12.82
CA LYS A 514 22.63 -18.95 12.42
C LYS A 514 23.97 -19.31 13.06
N ASN A 515 23.98 -19.67 14.33
CA ASN A 515 25.19 -20.08 15.05
C ASN A 515 26.32 -19.06 14.97
N PRO A 516 26.14 -17.86 15.52
CA PRO A 516 27.21 -16.86 15.50
C PRO A 516 28.05 -16.96 16.76
N PRO A 517 29.21 -16.30 16.80
CA PRO A 517 30.10 -16.41 17.96
C PRO A 517 29.69 -15.58 19.17
N ILE A 518 28.59 -14.83 19.12
CA ILE A 518 28.10 -14.07 20.26
C ILE A 518 26.57 -14.15 20.25
N LEU A 519 26.01 -14.84 21.25
CA LEU A 519 24.57 -15.03 21.33
C LEU A 519 23.98 -14.12 22.41
N LEU A 520 22.83 -13.51 22.10
CA LEU A 520 22.18 -12.57 22.99
C LEU A 520 20.68 -12.87 23.02
N PHE A 521 20.15 -13.05 24.22
CA PHE A 521 18.76 -13.44 24.44
C PHE A 521 18.08 -12.33 25.22
N ASP A 522 17.22 -11.54 24.55
CA ASP A 522 16.53 -10.43 25.18
C ASP A 522 15.15 -10.93 25.65
N GLN A 523 15.09 -11.37 26.90
CA GLN A 523 13.85 -11.90 27.49
C GLN A 523 13.30 -13.04 26.63
N ALA A 524 14.16 -14.01 26.35
CA ALA A 524 13.82 -15.05 25.36
C ALA A 524 12.79 -16.02 25.90
N THR A 525 12.85 -16.34 27.20
CA THR A 525 11.98 -17.33 27.82
C THR A 525 10.76 -16.72 28.49
N SER A 526 10.28 -15.58 27.97
CA SER A 526 9.18 -14.88 28.62
C SER A 526 7.85 -15.61 28.42
N ALA A 527 7.56 -15.99 27.18
CA ALA A 527 6.27 -16.61 26.85
C ALA A 527 6.24 -18.10 27.12
N LEU A 528 7.27 -18.66 27.73
CA LEU A 528 7.37 -20.09 28.00
C LEU A 528 7.01 -20.41 29.43
N ASP A 529 6.52 -21.64 29.64
CA ASP A 529 6.34 -22.17 30.98
C ASP A 529 7.70 -22.62 31.53
N THR A 530 7.73 -22.88 32.84
CA THR A 530 8.99 -23.19 33.51
C THR A 530 9.62 -24.48 32.98
N ARG A 531 8.80 -25.45 32.55
CA ARG A 531 9.33 -26.70 32.02
C ARG A 531 10.02 -26.47 30.68
N THR A 532 9.30 -25.89 29.72
CA THR A 532 9.92 -25.55 28.44
C THR A 532 11.04 -24.55 28.63
N GLU A 533 10.92 -23.68 29.63
CA GLU A 533 12.01 -22.75 29.94
C GLU A 533 13.27 -23.49 30.36
N GLN A 534 13.12 -24.54 31.18
CA GLN A 534 14.28 -25.34 31.56
C GLN A 534 14.83 -26.10 30.38
N ASP A 535 13.96 -26.57 29.48
CA ASP A 535 14.45 -27.17 28.23
C ASP A 535 15.32 -26.21 27.45
N ILE A 536 14.82 -24.99 27.23
CA ILE A 536 15.57 -23.99 26.47
C ILE A 536 16.84 -23.59 27.22
N LEU A 537 16.81 -23.58 28.55
CA LEU A 537 18.00 -23.25 29.32
C LEU A 537 19.05 -24.34 29.19
N SER A 538 18.64 -25.61 29.24
CA SER A 538 19.57 -26.70 28.99
C SER A 538 20.16 -26.59 27.59
N THR A 539 19.36 -26.16 26.61
CA THR A 539 19.89 -25.91 25.28
C THR A 539 20.96 -24.81 25.31
N MSE A 540 20.60 -23.65 25.86
CA MSE A 540 21.49 -22.50 25.96
C MSE A 540 22.80 -22.87 26.65
O MSE A 540 23.85 -22.30 26.35
CB MSE A 540 20.83 -21.36 26.76
CG MSE A 540 19.62 -20.72 26.11
SE MSE A 540 18.96 -19.24 27.22
CE MSE A 540 17.29 -18.86 26.31
N ARG A 541 22.73 -23.83 27.56
CA ARG A 541 23.94 -24.25 28.26
C ARG A 541 24.72 -25.30 27.46
N ALA A 542 24.04 -26.14 26.69
CA ALA A 542 24.76 -27.09 25.85
C ALA A 542 25.57 -26.35 24.80
N VAL A 543 25.00 -25.29 24.24
CA VAL A 543 25.68 -24.45 23.27
C VAL A 543 26.41 -23.37 24.04
N ALA A 544 27.31 -22.65 23.37
CA ALA A 544 28.01 -21.52 23.96
C ALA A 544 28.87 -21.93 25.16
N SER A 545 29.55 -23.07 25.02
CA SER A 545 30.47 -23.51 26.07
C SER A 545 31.68 -22.59 26.14
N HIS A 546 32.29 -22.34 24.99
CA HIS A 546 33.36 -21.37 24.85
C HIS A 546 32.90 -20.23 23.94
N ARG A 547 31.65 -19.81 24.16
CA ARG A 547 31.05 -18.72 23.42
C ARG A 547 30.37 -17.77 24.40
N THR A 548 30.22 -16.52 23.97
CA THR A 548 29.67 -15.48 24.83
C THR A 548 28.15 -15.47 24.72
N THR A 549 27.48 -15.41 25.87
CA THR A 549 26.03 -15.41 25.96
C THR A 549 25.60 -14.26 26.86
N ILE A 550 24.85 -13.31 26.31
CA ILE A 550 24.36 -12.17 27.05
C ILE A 550 22.85 -12.32 27.18
N SER A 551 22.38 -12.57 28.40
CA SER A 551 20.98 -12.85 28.67
C SER A 551 20.37 -11.66 29.43
N ILE A 552 19.49 -10.94 28.77
CA ILE A 552 18.68 -9.90 29.42
C ILE A 552 17.40 -10.56 29.91
N ALA A 553 17.17 -10.53 31.22
CA ALA A 553 16.05 -11.28 31.77
C ALA A 553 15.46 -10.56 32.98
N HIS A 554 14.14 -10.63 33.12
CA HIS A 554 13.44 -10.23 34.33
C HIS A 554 13.14 -11.42 35.23
N ARG A 555 13.09 -12.63 34.67
CA ARG A 555 12.93 -13.85 35.45
C ARG A 555 14.31 -14.22 35.99
N LEU A 556 14.62 -13.71 37.17
CA LEU A 556 15.97 -13.80 37.71
C LEU A 556 16.42 -15.25 37.91
N SER A 557 15.48 -16.14 38.28
CA SER A 557 15.84 -17.51 38.59
C SER A 557 16.56 -18.20 37.45
N THR A 558 16.29 -17.79 36.21
CA THR A 558 16.94 -18.42 35.06
C THR A 558 18.40 -18.02 34.94
N ILE A 559 18.74 -16.80 35.34
CA ILE A 559 20.09 -16.29 35.15
C ILE A 559 20.91 -16.36 36.44
N ALA A 560 20.45 -17.12 37.44
CA ALA A 560 21.15 -17.18 38.71
C ALA A 560 22.49 -17.89 38.60
N ASP A 561 22.63 -18.84 37.67
CA ASP A 561 23.85 -19.60 37.49
C ASP A 561 24.81 -18.96 36.50
N SER A 562 24.73 -17.64 36.31
CA SER A 562 25.57 -16.96 35.35
C SER A 562 26.95 -16.65 35.94
N ASP A 563 27.89 -16.34 35.06
CA ASP A 563 29.24 -15.98 35.52
C ASP A 563 29.22 -14.63 36.23
N THR A 564 28.67 -13.61 35.58
CA THR A 564 28.48 -12.30 36.18
C THR A 564 27.08 -11.80 35.87
N ILE A 565 26.56 -10.98 36.79
CA ILE A 565 25.25 -10.38 36.65
C ILE A 565 25.41 -8.86 36.69
N LEU A 566 25.03 -8.19 35.61
CA LEU A 566 25.09 -6.74 35.52
C LEU A 566 23.71 -6.19 35.85
N VAL A 567 23.63 -5.42 36.94
CA VAL A 567 22.39 -4.78 37.36
C VAL A 567 22.39 -3.37 36.81
N LEU A 568 21.36 -3.02 36.06
CA LEU A 568 21.22 -1.71 35.45
C LEU A 568 20.11 -0.94 36.14
N ASP A 569 20.34 0.35 36.38
CA ASP A 569 19.39 1.21 37.07
C ASP A 569 19.42 2.58 36.42
N GLN A 570 18.30 2.98 35.82
CA GLN A 570 18.13 4.32 35.24
C GLN A 570 19.26 4.66 34.28
N GLY A 571 19.77 3.65 33.58
CA GLY A 571 20.82 3.85 32.60
C GLY A 571 22.23 3.87 33.14
N ARG A 572 22.47 3.34 34.34
CA ARG A 572 23.81 3.24 34.89
C ARG A 572 24.01 1.85 35.48
N LEU A 573 25.28 1.46 35.58
CA LEU A 573 25.64 0.15 36.10
C LEU A 573 25.67 0.22 37.63
N ALA A 574 24.62 -0.30 38.27
CA ALA A 574 24.52 -0.20 39.72
C ALA A 574 25.51 -1.14 40.40
N GLU A 575 25.42 -2.43 40.12
CA GLU A 575 26.32 -3.41 40.72
C GLU A 575 26.63 -4.50 39.70
N GLN A 576 27.62 -5.33 40.03
CA GLN A 576 28.08 -6.39 39.15
C GLN A 576 28.77 -7.45 40.00
N GLY A 577 28.53 -8.70 39.66
CA GLY A 577 29.18 -9.81 40.36
C GLY A 577 28.29 -11.04 40.32
N SER A 578 28.70 -12.03 41.11
CA SER A 578 28.00 -13.31 41.16
C SER A 578 26.66 -13.16 41.86
N HIS A 579 25.79 -14.15 41.65
CA HIS A 579 24.50 -14.18 42.34
C HIS A 579 24.69 -14.14 43.85
N LEU A 580 25.60 -14.98 44.37
CA LEU A 580 25.86 -14.98 45.81
C LEU A 580 26.50 -13.67 46.25
N ASP A 581 27.43 -13.13 45.46
CA ASP A 581 28.08 -11.87 45.82
C ASP A 581 27.08 -10.72 45.88
N LEU A 582 26.25 -10.59 44.83
CA LEU A 582 25.27 -9.51 44.82
C LEU A 582 24.20 -9.71 45.88
N LEU A 583 23.85 -10.97 46.16
CA LEU A 583 22.91 -11.25 47.25
C LEU A 583 23.51 -10.86 48.59
N ARG A 584 24.84 -11.02 48.74
CA ARG A 584 25.49 -10.62 49.98
C ARG A 584 25.54 -9.11 50.11
N ARG A 585 25.76 -8.41 48.99
CA ARG A 585 25.86 -6.96 49.00
C ARG A 585 24.54 -6.28 49.40
N ASP A 586 23.42 -6.99 49.28
CA ASP A 586 22.11 -6.49 49.70
C ASP A 586 21.80 -5.13 49.06
N GLY A 587 21.86 -5.11 47.74
CA GLY A 587 21.57 -3.90 47.00
C GLY A 587 20.31 -3.98 46.15
N LEU A 588 20.42 -3.60 44.89
CA LEU A 588 19.28 -3.63 43.99
C LEU A 588 18.96 -5.05 43.54
N TYR A 589 19.99 -5.85 43.24
CA TYR A 589 19.75 -7.21 42.79
C TYR A 589 19.11 -8.07 43.87
N ALA A 590 19.65 -7.99 45.09
CA ALA A 590 19.10 -8.77 46.20
C ALA A 590 17.63 -8.44 46.43
N GLU A 591 17.32 -7.13 46.57
CA GLU A 591 15.94 -6.70 46.77
C GLU A 591 15.01 -7.32 45.74
N MSE A 592 15.32 -7.14 44.46
CA MSE A 592 14.56 -7.76 43.38
C MSE A 592 14.39 -9.26 43.61
O MSE A 592 13.27 -9.78 43.55
CB MSE A 592 15.24 -7.53 42.03
CG MSE A 592 14.96 -6.17 41.41
SE MSE A 592 15.59 -6.05 39.56
CE MSE A 592 17.50 -6.25 39.88
N TRP A 593 15.50 -9.95 43.91
CA TRP A 593 15.41 -11.37 44.20
C TRP A 593 14.49 -11.64 45.38
N ALA A 594 14.60 -10.82 46.44
CA ALA A 594 13.70 -10.99 47.58
C ALA A 594 12.26 -10.68 47.21
N ARG A 595 12.04 -9.84 46.20
CA ARG A 595 10.68 -9.52 45.80
C ARG A 595 9.97 -10.69 45.14
N GLN A 596 10.71 -11.68 44.64
CA GLN A 596 10.10 -12.93 44.23
C GLN A 596 9.59 -13.73 45.42
N ALA A 597 10.30 -13.66 46.54
CA ALA A 597 9.99 -14.44 47.74
C ALA A 597 8.78 -13.91 48.50
N ALA A 598 8.22 -12.76 48.12
CA ALA A 598 7.05 -12.24 48.79
C ALA A 598 5.87 -13.19 48.62
N GLU A 599 5.16 -13.44 49.72
CA GLU A 599 4.06 -14.39 49.74
C GLU A 599 2.72 -13.68 49.87
N ALA B 33 -29.64 15.04 -2.88
CA ALA B 33 -30.56 16.05 -3.39
C ALA B 33 -29.91 16.92 -4.45
N VAL B 34 -28.71 17.43 -4.13
CA VAL B 34 -28.00 18.29 -5.07
C VAL B 34 -27.13 17.50 -6.04
N LEU B 35 -26.73 16.28 -5.68
CA LEU B 35 -25.95 15.46 -6.61
C LEU B 35 -26.75 15.15 -7.86
N ARG B 36 -28.07 14.97 -7.71
CA ARG B 36 -28.94 14.80 -8.87
C ARG B 36 -28.85 16.00 -9.80
N ARG B 37 -28.98 17.21 -9.24
CA ARG B 37 -28.84 18.42 -10.05
C ARG B 37 -27.49 18.46 -10.74
N ARG B 38 -26.42 18.10 -10.02
CA ARG B 38 -25.08 18.12 -10.60
C ARG B 38 -25.00 17.18 -11.80
N VAL B 39 -25.48 15.95 -11.66
CA VAL B 39 -25.40 15.01 -12.77
C VAL B 39 -26.33 15.43 -13.91
N VAL B 40 -27.45 16.08 -13.60
CA VAL B 40 -28.31 16.64 -14.63
C VAL B 40 -27.56 17.69 -15.43
N GLY B 41 -26.90 18.62 -14.73
CA GLY B 41 -26.05 19.59 -15.42
C GLY B 41 -24.95 18.94 -16.24
N ALA B 42 -24.40 17.83 -15.74
CA ALA B 42 -23.40 17.08 -16.48
C ALA B 42 -23.98 16.57 -17.80
N ILE B 43 -25.18 15.98 -17.75
CA ILE B 43 -25.83 15.51 -18.98
C ILE B 43 -26.14 16.68 -19.90
N LEU B 44 -26.49 17.84 -19.33
CA LEU B 44 -26.71 19.04 -20.14
C LEU B 44 -25.42 19.48 -20.83
N MSE B 45 -24.29 19.32 -20.15
CA MSE B 45 -22.99 19.63 -20.74
C MSE B 45 -22.68 18.64 -21.87
O MSE B 45 -22.07 18.97 -22.88
CB MSE B 45 -21.88 19.60 -19.69
CG MSE B 45 -21.96 20.71 -18.66
SE MSE B 45 -21.78 22.48 -19.46
CE MSE B 45 -21.87 23.55 -17.82
N VAL B 46 -23.11 17.39 -21.66
CA VAL B 46 -23.04 16.39 -22.72
C VAL B 46 -23.85 16.85 -23.93
N LEU B 47 -25.04 17.36 -23.69
CA LEU B 47 -25.87 17.88 -24.79
C LEU B 47 -25.24 19.09 -25.45
N LEU B 48 -24.53 19.93 -24.70
CA LEU B 48 -23.80 21.04 -25.32
C LEU B 48 -22.64 20.53 -26.18
N GLY B 49 -21.94 19.50 -25.71
CA GLY B 49 -20.99 18.82 -26.57
C GLY B 49 -21.65 18.24 -27.80
N LYS B 50 -22.91 17.81 -27.66
CA LYS B 50 -23.69 17.38 -28.81
C LYS B 50 -24.01 18.54 -29.74
N ALA B 51 -24.18 19.74 -29.19
CA ALA B 51 -24.34 20.93 -30.03
C ALA B 51 -23.07 21.21 -30.82
N THR B 52 -21.91 20.95 -30.22
CA THR B 52 -20.66 21.03 -30.98
C THR B 52 -20.61 19.94 -32.05
N THR B 53 -21.06 18.73 -31.69
CA THR B 53 -21.16 17.63 -32.64
C THR B 53 -22.07 18.00 -33.81
N LEU B 54 -23.08 18.83 -33.55
CA LEU B 54 -23.91 19.38 -34.62
C LEU B 54 -23.15 20.44 -35.40
N ALA B 55 -22.34 21.25 -34.71
CA ALA B 55 -21.64 22.35 -35.35
C ALA B 55 -20.62 21.85 -36.35
N LEU B 56 -20.09 20.64 -36.15
CA LEU B 56 -19.13 20.13 -37.12
C LEU B 56 -19.78 19.85 -38.47
N PRO B 57 -20.95 19.21 -38.55
CA PRO B 57 -21.70 19.21 -39.82
C PRO B 57 -22.10 20.60 -40.30
N PHE B 58 -22.20 21.59 -39.41
CA PHE B 58 -22.64 22.91 -39.83
C PHE B 58 -21.75 23.49 -40.93
N ALA B 59 -20.47 23.08 -40.99
CA ALA B 59 -19.58 23.53 -42.05
C ALA B 59 -19.95 22.92 -43.40
N TYR B 60 -20.75 21.85 -43.41
CA TYR B 60 -21.37 21.38 -44.64
C TYR B 60 -22.10 22.51 -45.35
N LYS B 61 -22.71 23.42 -44.58
CA LYS B 61 -23.38 24.57 -45.17
C LYS B 61 -22.39 25.52 -45.83
N LYS B 62 -21.22 25.73 -45.21
CA LYS B 62 -20.16 26.47 -45.87
C LYS B 62 -19.82 25.83 -47.20
N ALA B 63 -19.65 24.51 -47.20
CA ALA B 63 -19.28 23.82 -48.43
C ALA B 63 -20.39 23.91 -49.47
N VAL B 64 -21.65 24.02 -49.05
CA VAL B 64 -22.74 24.17 -50.01
C VAL B 64 -22.64 25.51 -50.73
N ASP B 65 -22.18 26.54 -50.03
CA ASP B 65 -22.10 27.89 -50.58
C ASP B 65 -20.74 28.17 -51.22
N ALA B 66 -20.00 27.12 -51.59
CA ALA B 66 -18.69 27.27 -52.21
C ALA B 66 -18.75 27.12 -53.74
N MSE B 67 -19.27 26.00 -54.23
CA MSE B 67 -19.23 25.70 -55.65
C MSE B 67 -20.32 26.42 -56.45
O MSE B 67 -20.04 26.96 -57.52
CB MSE B 67 -19.35 24.19 -55.88
CG MSE B 67 -19.37 23.80 -57.36
SE MSE B 67 -17.77 24.36 -58.32
CE MSE B 67 -18.23 23.66 -60.08
N THR B 68 -21.55 26.40 -55.93
CA THR B 68 -22.67 26.97 -56.67
C THR B 68 -22.43 28.45 -56.96
N LEU B 69 -22.33 29.26 -55.91
CA LEU B 69 -22.05 30.69 -56.03
C LEU B 69 -20.73 30.95 -55.29
N GLY B 70 -19.63 30.94 -56.02
CA GLY B 70 -18.33 31.06 -55.41
C GLY B 70 -17.58 32.35 -55.70
N GLY B 71 -16.51 32.24 -56.49
CA GLY B 71 -15.68 33.40 -56.75
C GLY B 71 -16.40 34.47 -57.54
N GLY B 72 -15.82 35.67 -57.49
CA GLY B 72 -16.39 36.80 -58.19
C GLY B 72 -17.62 37.40 -57.54
N ALA B 73 -17.86 37.11 -56.27
CA ALA B 73 -19.05 37.56 -55.57
C ALA B 73 -18.68 37.91 -54.14
N GLN B 74 -19.71 38.05 -53.30
CA GLN B 74 -19.58 38.30 -51.85
C GLN B 74 -19.32 37.01 -51.06
N PRO B 75 -20.04 35.91 -51.31
CA PRO B 75 -19.83 34.70 -50.48
C PRO B 75 -18.40 34.22 -50.45
N ALA B 76 -17.56 34.62 -51.41
CA ALA B 76 -16.16 34.23 -51.39
C ALA B 76 -15.47 34.66 -50.10
N LEU B 77 -15.88 35.78 -49.51
CA LEU B 77 -15.35 36.18 -48.21
C LEU B 77 -16.16 35.59 -47.05
N THR B 78 -17.41 35.21 -47.31
CA THR B 78 -18.27 34.69 -46.26
C THR B 78 -17.76 33.35 -45.76
N VAL B 79 -17.03 32.62 -46.61
CA VAL B 79 -16.46 31.35 -46.19
C VAL B 79 -15.48 31.56 -45.04
N ALA B 80 -14.72 32.66 -45.08
CA ALA B 80 -13.65 32.82 -44.10
C ALA B 80 -14.19 33.16 -42.71
N LEU B 81 -14.87 34.30 -42.58
CA LEU B 81 -15.33 34.77 -41.28
C LEU B 81 -16.20 33.73 -40.58
N ALA B 82 -17.25 33.27 -41.26
CA ALA B 82 -18.16 32.31 -40.66
C ALA B 82 -17.43 31.02 -40.28
N PHE B 83 -16.35 30.69 -40.98
CA PHE B 83 -15.57 29.53 -40.60
C PHE B 83 -14.94 29.73 -39.23
N VAL B 84 -14.26 30.86 -39.04
CA VAL B 84 -13.55 31.10 -37.78
C VAL B 84 -14.52 31.05 -36.62
N LEU B 85 -15.63 31.79 -36.71
CA LEU B 85 -16.64 31.77 -35.67
C LEU B 85 -17.10 30.33 -35.40
N ALA B 86 -17.34 29.57 -36.47
CA ALA B 86 -17.75 28.19 -36.28
C ALA B 86 -16.61 27.35 -35.74
N TYR B 87 -15.38 27.59 -36.22
CA TYR B 87 -14.26 26.74 -35.82
C TYR B 87 -13.64 27.20 -34.51
N ALA B 88 -13.12 28.43 -34.49
CA ALA B 88 -12.37 28.92 -33.33
C ALA B 88 -13.19 28.81 -32.05
N LEU B 89 -14.39 29.39 -32.05
CA LEU B 89 -15.26 29.23 -30.89
C LEU B 89 -15.70 27.79 -30.73
N GLY B 90 -16.05 27.14 -31.85
CA GLY B 90 -16.65 25.81 -31.80
C GLY B 90 -15.77 24.81 -31.08
N ARG B 91 -14.53 24.64 -31.56
CA ARG B 91 -13.61 23.76 -30.86
C ARG B 91 -13.43 24.23 -29.43
N PHE B 92 -13.24 25.55 -29.26
CA PHE B 92 -13.08 26.08 -27.91
C PHE B 92 -14.33 25.81 -27.07
N SER B 93 -15.50 25.87 -27.71
CA SER B 93 -16.73 25.58 -26.98
C SER B 93 -16.78 24.12 -26.53
N GLY B 94 -16.22 23.21 -27.32
CA GLY B 94 -16.26 21.81 -26.94
C GLY B 94 -15.47 21.49 -25.68
N VAL B 95 -14.15 21.71 -25.73
CA VAL B 95 -13.30 21.37 -24.60
C VAL B 95 -13.71 22.17 -23.37
N LEU B 96 -14.05 23.45 -23.55
CA LEU B 96 -14.49 24.27 -22.43
C LEU B 96 -15.69 23.63 -21.74
N PHE B 97 -16.64 23.09 -22.51
CA PHE B 97 -17.76 22.40 -21.89
C PHE B 97 -17.28 21.16 -21.15
N ASP B 98 -16.41 20.37 -21.78
CA ASP B 98 -15.96 19.12 -21.19
C ASP B 98 -15.32 19.37 -19.82
N ASN B 99 -14.34 20.27 -19.78
CA ASN B 99 -13.70 20.59 -18.50
C ASN B 99 -14.72 21.13 -17.50
N LEU B 100 -15.67 21.95 -17.98
CA LEU B 100 -16.70 22.46 -17.08
C LEU B 100 -17.47 21.29 -16.48
N ARG B 101 -17.81 20.30 -17.31
CA ARG B 101 -18.45 19.10 -16.80
C ARG B 101 -17.63 18.51 -15.65
N ASN B 102 -16.31 18.38 -15.86
CA ASN B 102 -15.45 17.87 -14.81
C ASN B 102 -15.61 18.68 -13.54
N ILE B 103 -15.55 20.01 -13.65
CA ILE B 103 -15.58 20.82 -12.44
C ILE B 103 -16.94 20.77 -11.77
N VAL B 104 -18.01 20.43 -12.51
CA VAL B 104 -19.31 20.31 -11.87
C VAL B 104 -19.58 18.88 -11.43
N PHE B 105 -18.74 17.91 -11.81
CA PHE B 105 -18.95 16.53 -11.42
C PHE B 105 -17.98 16.03 -10.36
N GLU B 106 -16.85 16.71 -10.14
CA GLU B 106 -15.82 16.19 -9.25
C GLU B 106 -16.37 15.90 -7.85
N ARG B 107 -17.18 16.83 -7.31
CA ARG B 107 -17.73 16.60 -5.97
C ARG B 107 -18.59 15.34 -5.94
N VAL B 108 -19.36 15.10 -7.00
CA VAL B 108 -20.13 13.88 -7.07
C VAL B 108 -19.20 12.67 -7.15
N GLY B 109 -18.13 12.78 -7.93
CA GLY B 109 -17.23 11.65 -8.07
C GLY B 109 -16.47 11.35 -6.79
N GLN B 110 -15.80 12.36 -6.22
CA GLN B 110 -15.00 12.15 -5.03
C GLN B 110 -15.85 11.61 -3.89
N ASP B 111 -17.03 12.20 -3.69
CA ASP B 111 -17.94 11.68 -2.66
C ASP B 111 -18.17 10.19 -2.86
N ALA B 112 -18.49 9.80 -4.09
CA ALA B 112 -18.70 8.38 -4.37
C ALA B 112 -17.49 7.58 -3.94
N THR B 113 -16.29 8.00 -4.36
CA THR B 113 -15.08 7.31 -3.94
C THR B 113 -15.01 7.27 -2.43
N ARG B 114 -15.19 8.41 -1.78
CA ARG B 114 -15.17 8.45 -0.33
C ARG B 114 -16.24 7.54 0.24
N HIS B 115 -17.45 7.60 -0.33
CA HIS B 115 -18.53 6.76 0.17
C HIS B 115 -18.17 5.30 0.02
N LEU B 116 -17.47 4.94 -1.06
CA LEU B 116 -16.98 3.57 -1.15
C LEU B 116 -15.89 3.32 -0.12
N ALA B 117 -14.90 4.21 -0.05
CA ALA B 117 -13.74 3.98 0.80
C ALA B 117 -14.17 3.80 2.25
N GLU B 118 -14.96 4.76 2.76
CA GLU B 118 -15.47 4.63 4.12
C GLU B 118 -16.19 3.31 4.29
N ASN B 119 -17.10 2.99 3.37
CA ASN B 119 -17.81 1.73 3.45
C ASN B 119 -16.84 0.57 3.47
N VAL B 120 -15.85 0.61 2.57
CA VAL B 120 -14.84 -0.46 2.54
C VAL B 120 -14.16 -0.55 3.89
N PHE B 121 -13.73 0.60 4.42
CA PHE B 121 -13.11 0.61 5.74
C PHE B 121 -14.08 0.07 6.77
N ALA B 122 -15.35 0.49 6.70
CA ALA B 122 -16.33 0.00 7.64
C ALA B 122 -16.47 -1.51 7.55
N ARG B 123 -16.42 -2.05 6.32
CA ARG B 123 -16.46 -3.49 6.17
C ARG B 123 -15.12 -4.14 6.51
N LEU B 124 -14.02 -3.41 6.32
CA LEU B 124 -12.70 -3.96 6.60
C LEU B 124 -12.52 -4.26 8.08
N HIS B 125 -13.14 -3.46 8.95
CA HIS B 125 -13.11 -3.72 10.38
C HIS B 125 -14.15 -4.74 10.84
N LYS B 126 -14.97 -5.26 9.93
CA LYS B 126 -15.97 -6.27 10.29
C LYS B 126 -15.57 -7.67 9.82
N LEU B 127 -14.33 -7.84 9.38
CA LEU B 127 -13.87 -9.15 8.95
C LEU B 127 -13.40 -9.97 10.15
N SER B 128 -13.45 -11.29 10.00
CA SER B 128 -13.10 -12.20 11.08
C SER B 128 -11.62 -12.09 11.44
N LEU B 129 -11.28 -12.58 12.63
CA LEU B 129 -9.89 -12.55 13.08
C LEU B 129 -9.00 -13.47 12.25
N ARG B 130 -9.57 -14.57 11.72
CA ARG B 130 -8.77 -15.47 10.90
C ARG B 130 -8.22 -14.76 9.68
N PHE B 131 -9.03 -13.91 9.05
CA PHE B 131 -8.56 -13.14 7.89
C PHE B 131 -7.39 -12.25 8.28
N HIS B 132 -7.60 -11.37 9.26
CA HIS B 132 -6.56 -10.42 9.65
C HIS B 132 -5.34 -11.10 10.25
N LEU B 133 -5.43 -12.37 10.62
CA LEU B 133 -4.25 -13.12 11.04
C LEU B 133 -3.53 -13.77 9.87
N ALA B 134 -4.28 -14.28 8.88
CA ALA B 134 -3.70 -14.91 7.71
C ALA B 134 -3.57 -13.96 6.52
N ARG B 135 -3.91 -12.68 6.70
CA ARG B 135 -3.88 -11.74 5.59
C ARG B 135 -2.44 -11.42 5.18
N ARG B 136 -2.29 -10.97 3.95
CA ARG B 136 -1.04 -10.41 3.45
C ARG B 136 -1.29 -8.95 3.11
N THR B 137 -0.70 -8.05 3.91
CA THR B 137 -1.03 -6.63 3.80
C THR B 137 -0.75 -6.07 2.42
N GLY B 138 0.28 -6.55 1.74
CA GLY B 138 0.62 -6.04 0.43
C GLY B 138 -0.45 -6.28 -0.62
N GLU B 139 -0.82 -7.55 -0.84
CA GLU B 139 -1.79 -7.84 -1.88
C GLU B 139 -3.18 -7.36 -1.50
N VAL B 140 -3.53 -7.35 -0.21
CA VAL B 140 -4.84 -6.83 0.17
C VAL B 140 -4.88 -5.32 -0.03
N THR B 141 -3.77 -4.62 0.25
CA THR B 141 -3.71 -3.19 -0.05
C THR B 141 -3.82 -2.94 -1.54
N LYS B 142 -3.14 -3.75 -2.35
CA LYS B 142 -3.28 -3.65 -3.79
C LYS B 142 -4.74 -3.82 -4.22
N VAL B 143 -5.41 -4.84 -3.69
CA VAL B 143 -6.79 -5.10 -4.07
C VAL B 143 -7.69 -3.93 -3.66
N ILE B 144 -7.50 -3.40 -2.46
CA ILE B 144 -8.36 -2.31 -1.97
C ILE B 144 -8.16 -1.06 -2.82
N GLU B 145 -6.91 -0.63 -3.01
CA GLU B 145 -6.66 0.57 -3.78
C GLU B 145 -7.08 0.39 -5.23
N ARG B 146 -6.87 -0.80 -5.80
CA ARG B 146 -7.28 -1.07 -7.17
C ARG B 146 -8.79 -1.00 -7.32
N GLY B 147 -9.53 -1.58 -6.38
CA GLY B 147 -10.99 -1.50 -6.43
C GLY B 147 -11.48 -0.07 -6.31
N THR B 148 -10.87 0.70 -5.41
CA THR B 148 -11.29 2.10 -5.25
C THR B 148 -11.03 2.89 -6.53
N LYS B 149 -9.82 2.79 -7.09
CA LYS B 149 -9.52 3.46 -8.35
C LYS B 149 -10.42 2.97 -9.47
N SER B 150 -10.78 1.68 -9.44
CA SER B 150 -11.63 1.12 -10.49
C SER B 150 -13.01 1.74 -10.46
N ILE B 151 -13.62 1.82 -9.27
CA ILE B 151 -14.94 2.45 -9.19
C ILE B 151 -14.84 3.93 -9.54
N ASP B 152 -13.73 4.57 -9.13
CA ASP B 152 -13.53 5.99 -9.42
C ASP B 152 -13.54 6.26 -10.92
N THR B 153 -12.85 5.42 -11.69
CA THR B 153 -12.83 5.60 -13.14
C THR B 153 -14.10 5.07 -13.81
N MSE B 154 -14.69 4.02 -13.26
CA MSE B 154 -15.84 3.37 -13.86
C MSE B 154 -17.09 4.22 -13.78
O MSE B 154 -17.87 4.25 -14.73
CB MSE B 154 -16.09 2.01 -13.19
CG MSE B 154 -17.33 1.30 -13.70
SE MSE B 154 -17.63 -0.42 -12.82
CE MSE B 154 -19.40 -0.79 -13.56
N LEU B 155 -17.30 4.90 -12.65
CA LEU B 155 -18.46 5.80 -12.57
C LEU B 155 -18.35 6.92 -13.59
N TYR B 156 -17.15 7.52 -13.72
CA TYR B 156 -16.93 8.56 -14.70
C TYR B 156 -17.20 8.05 -16.12
N PHE B 157 -16.66 6.88 -16.45
CA PHE B 157 -16.83 6.35 -17.80
C PHE B 157 -18.29 5.95 -18.07
N LEU B 158 -18.98 5.44 -17.05
CA LEU B 158 -20.38 5.04 -17.22
C LEU B 158 -21.27 6.26 -17.43
N LEU B 159 -20.96 7.37 -16.77
CA LEU B 159 -21.81 8.55 -16.87
C LEU B 159 -21.43 9.48 -18.01
N PHE B 160 -20.20 9.38 -18.54
CA PHE B 160 -19.73 10.35 -19.52
C PHE B 160 -19.26 9.73 -20.83
N ASN B 161 -19.35 8.41 -21.01
CA ASN B 161 -18.93 7.84 -22.29
C ASN B 161 -19.99 6.93 -22.90
N ILE B 162 -20.81 6.26 -22.08
CA ILE B 162 -21.82 5.37 -22.63
C ILE B 162 -22.95 6.19 -23.27
N ALA B 163 -23.58 7.06 -22.49
CA ALA B 163 -24.69 7.86 -22.97
C ALA B 163 -24.26 8.84 -24.06
N PRO B 164 -23.14 9.56 -23.92
CA PRO B 164 -22.74 10.47 -25.01
C PRO B 164 -22.44 9.75 -26.31
N THR B 165 -21.71 8.63 -26.27
CA THR B 165 -21.42 7.90 -27.51
C THR B 165 -22.70 7.30 -28.09
N VAL B 166 -23.62 6.85 -27.25
CA VAL B 166 -24.88 6.32 -27.76
C VAL B 166 -25.67 7.42 -28.46
N ILE B 167 -25.75 8.61 -27.85
CA ILE B 167 -26.46 9.73 -28.47
C ILE B 167 -25.80 10.11 -29.78
N GLU B 168 -24.47 10.19 -29.80
CA GLU B 168 -23.77 10.57 -31.02
C GLU B 168 -23.98 9.55 -32.13
N LEU B 169 -23.92 8.25 -31.80
CA LEU B 169 -24.12 7.22 -32.81
C LEU B 169 -25.56 7.24 -33.33
N THR B 170 -26.54 7.46 -32.44
CA THR B 170 -27.93 7.58 -32.88
C THR B 170 -28.09 8.75 -33.84
N ALA B 171 -27.49 9.89 -33.51
CA ALA B 171 -27.56 11.05 -34.40
C ALA B 171 -26.88 10.76 -35.73
N VAL B 172 -25.73 10.09 -35.71
CA VAL B 172 -25.05 9.72 -36.94
C VAL B 172 -25.96 8.88 -37.80
N ILE B 173 -26.63 7.90 -37.20
CA ILE B 173 -27.50 7.00 -37.96
C ILE B 173 -28.68 7.75 -38.55
N VAL B 174 -29.34 8.60 -37.74
CA VAL B 174 -30.52 9.29 -38.25
C VAL B 174 -30.15 10.31 -39.31
N ILE B 175 -28.98 10.95 -39.19
CA ILE B 175 -28.58 11.95 -40.16
C ILE B 175 -28.15 11.29 -41.46
N PHE B 176 -27.50 10.13 -41.38
CA PHE B 176 -27.14 9.44 -42.61
C PHE B 176 -28.33 8.73 -43.23
N TRP B 177 -29.39 8.48 -42.47
CA TRP B 177 -30.61 7.92 -43.04
C TRP B 177 -31.44 9.01 -43.70
N LEU B 178 -31.38 10.24 -43.20
CA LEU B 178 -32.10 11.35 -43.82
C LEU B 178 -31.31 12.03 -44.93
N ASN B 179 -29.98 11.84 -44.98
CA ASN B 179 -29.15 12.51 -45.97
C ASN B 179 -28.49 11.59 -46.99
N PHE B 180 -28.29 10.32 -46.67
CA PHE B 180 -27.56 9.43 -47.58
C PHE B 180 -28.37 8.24 -48.04
N GLY B 181 -29.02 7.51 -47.14
CA GLY B 181 -29.85 6.39 -47.53
C GLY B 181 -29.69 5.22 -46.60
N LEU B 182 -30.20 4.07 -47.03
CA LEU B 182 -30.23 2.85 -46.22
C LEU B 182 -28.99 1.98 -46.35
N GLY B 183 -28.33 1.98 -47.51
CA GLY B 183 -27.24 1.03 -47.74
C GLY B 183 -26.04 1.27 -46.83
N LEU B 184 -25.58 2.53 -46.78
CA LEU B 184 -24.35 2.84 -46.06
C LEU B 184 -24.50 2.56 -44.56
N VAL B 185 -25.66 2.90 -44.00
CA VAL B 185 -25.84 2.70 -42.56
C VAL B 185 -25.85 1.21 -42.22
N THR B 186 -26.45 0.37 -43.08
CA THR B 186 -26.44 -1.06 -42.82
C THR B 186 -25.03 -1.64 -42.95
N ALA B 187 -24.28 -1.19 -43.94
CA ALA B 187 -22.89 -1.64 -44.05
C ALA B 187 -22.10 -1.24 -42.80
N THR B 188 -22.31 -0.01 -42.31
CA THR B 188 -21.58 0.44 -41.13
C THR B 188 -22.01 -0.33 -39.88
N ILE B 189 -23.30 -0.63 -39.72
CA ILE B 189 -23.72 -1.35 -38.52
C ILE B 189 -23.15 -2.76 -38.51
N LEU B 190 -23.10 -3.43 -39.67
CA LEU B 190 -22.48 -4.75 -39.68
C LEU B 190 -20.98 -4.67 -39.44
N ALA B 191 -20.32 -3.63 -39.97
CA ALA B 191 -18.89 -3.44 -39.69
C ALA B 191 -18.65 -3.24 -38.19
N VAL B 192 -19.47 -2.41 -37.54
CA VAL B 192 -19.34 -2.18 -36.11
C VAL B 192 -19.66 -3.45 -35.31
N ILE B 193 -20.58 -4.28 -35.80
CA ILE B 193 -20.88 -5.52 -35.12
C ILE B 193 -19.68 -6.47 -35.17
N ALA B 194 -19.04 -6.56 -36.33
CA ALA B 194 -17.82 -7.36 -36.43
C ALA B 194 -16.72 -6.79 -35.53
N TYR B 195 -16.63 -5.46 -35.46
CA TYR B 195 -15.69 -4.80 -34.55
C TYR B 195 -15.92 -5.23 -33.10
N VAL B 196 -17.18 -5.19 -32.67
CA VAL B 196 -17.52 -5.54 -31.29
C VAL B 196 -17.24 -7.02 -31.03
N TRP B 197 -17.54 -7.88 -32.00
CA TRP B 197 -17.29 -9.32 -31.81
C TRP B 197 -15.80 -9.59 -31.68
N THR B 198 -14.98 -8.96 -32.53
CA THR B 198 -13.54 -9.12 -32.42
C THR B 198 -13.04 -8.60 -31.07
N THR B 199 -13.55 -7.46 -30.63
CA THR B 199 -13.15 -6.92 -29.33
C THR B 199 -13.48 -7.89 -28.21
N ARG B 200 -14.68 -8.47 -28.24
CA ARG B 200 -15.08 -9.43 -27.21
C ARG B 200 -14.18 -10.65 -27.20
N THR B 201 -13.87 -11.17 -28.40
CA THR B 201 -13.00 -12.35 -28.48
C THR B 201 -11.60 -12.04 -27.94
N ILE B 202 -11.05 -10.89 -28.32
CA ILE B 202 -9.70 -10.54 -27.87
C ILE B 202 -9.68 -10.30 -26.36
N THR B 203 -10.76 -9.73 -25.81
CA THR B 203 -10.80 -9.50 -24.37
C THR B 203 -10.92 -10.83 -23.61
N GLU B 204 -11.70 -11.78 -24.14
CA GLU B 204 -11.76 -13.09 -23.51
C GLU B 204 -10.43 -13.83 -23.61
N TRP B 205 -9.66 -13.56 -24.67
CA TRP B 205 -8.34 -14.16 -24.78
C TRP B 205 -7.30 -13.49 -23.88
N ARG B 206 -7.51 -12.21 -23.57
CA ARG B 206 -6.58 -11.42 -22.77
C ARG B 206 -6.84 -11.51 -21.27
N THR B 207 -8.05 -11.93 -20.87
CA THR B 207 -8.39 -12.01 -19.45
C THR B 207 -7.39 -12.88 -18.67
N HIS B 208 -6.91 -13.96 -19.28
CA HIS B 208 -5.95 -14.83 -18.60
C HIS B 208 -4.68 -14.08 -18.23
N LEU B 209 -4.07 -13.40 -19.21
CA LEU B 209 -2.86 -12.64 -18.95
C LEU B 209 -3.12 -11.50 -17.96
N ARG B 210 -4.30 -10.88 -18.07
CA ARG B 210 -4.64 -9.78 -17.15
C ARG B 210 -4.68 -10.27 -15.71
N GLU B 211 -5.38 -11.38 -15.46
CA GLU B 211 -5.47 -11.93 -14.11
C GLU B 211 -4.11 -12.40 -13.62
N LYS B 212 -3.30 -12.99 -14.51
CA LYS B 212 -1.98 -13.44 -14.09
C LYS B 212 -1.09 -12.27 -13.68
N MSE B 213 -1.13 -11.18 -14.46
CA MSE B 213 -0.39 -9.98 -14.14
C MSE B 213 -0.81 -9.38 -12.80
O MSE B 213 0.04 -9.01 -11.98
CB MSE B 213 -0.58 -8.93 -15.25
CG MSE B 213 -0.09 -7.54 -14.89
SE MSE B 213 -0.60 -6.22 -16.23
CE MSE B 213 0.11 -4.62 -15.37
N ASN B 214 -2.13 -9.30 -12.59
CA ASN B 214 -2.63 -8.77 -11.32
C ASN B 214 -2.17 -9.63 -10.15
N ARG B 215 -2.26 -10.96 -10.28
CA ARG B 215 -1.83 -11.83 -9.19
C ARG B 215 -0.34 -11.69 -8.92
N LEU B 216 0.48 -11.59 -9.96
CA LEU B 216 1.91 -11.46 -9.77
C LEU B 216 2.26 -10.13 -9.09
N ASP B 217 1.58 -9.05 -9.48
CA ASP B 217 1.83 -7.76 -8.82
C ASP B 217 1.42 -7.81 -7.36
N GLY B 218 0.26 -8.43 -7.06
CA GLY B 218 -0.15 -8.57 -5.67
C GLY B 218 0.84 -9.36 -4.85
N GLN B 219 1.35 -10.46 -5.40
CA GLN B 219 2.34 -11.27 -4.69
C GLN B 219 3.63 -10.50 -4.47
N ALA B 220 4.06 -9.73 -5.47
CA ALA B 220 5.29 -8.96 -5.32
C ALA B 220 5.15 -7.91 -4.21
N LEU B 221 4.04 -7.17 -4.22
CA LEU B 221 3.86 -6.16 -3.17
C LEU B 221 3.70 -6.80 -1.80
N ALA B 222 3.01 -7.95 -1.73
CA ALA B 222 2.88 -8.63 -0.45
C ALA B 222 4.23 -9.06 0.09
N ARG B 223 5.09 -9.60 -0.79
CA ARG B 223 6.43 -9.97 -0.36
C ARG B 223 7.22 -8.76 0.11
N ALA B 224 7.13 -7.65 -0.62
CA ALA B 224 7.87 -6.45 -0.23
C ALA B 224 7.41 -5.94 1.13
N VAL B 225 6.09 -5.87 1.34
CA VAL B 225 5.57 -5.33 2.60
C VAL B 225 5.89 -6.27 3.76
N ASP B 226 5.82 -7.58 3.54
CA ASP B 226 6.15 -8.52 4.60
C ASP B 226 7.64 -8.50 4.94
N SER B 227 8.48 -8.24 3.94
CA SER B 227 9.91 -8.06 4.21
C SER B 227 10.15 -6.79 5.01
N LEU B 228 9.41 -5.72 4.70
CA LEU B 228 9.59 -4.48 5.44
C LEU B 228 9.06 -4.59 6.86
N LEU B 229 8.03 -5.40 7.09
CA LEU B 229 7.56 -5.63 8.46
C LEU B 229 8.62 -6.31 9.30
N ASN B 230 9.41 -7.21 8.70
CA ASN B 230 10.50 -7.89 9.38
C ASN B 230 11.84 -7.21 9.16
N TYR B 231 11.84 -5.88 8.99
CA TYR B 231 13.08 -5.12 8.85
C TYR B 231 14.10 -5.51 9.92
N GLU B 232 13.66 -5.55 11.19
CA GLU B 232 14.56 -5.91 12.27
C GLU B 232 15.07 -7.34 12.12
N THR B 233 14.20 -8.26 11.67
CA THR B 233 14.63 -9.63 11.44
C THR B 233 15.63 -9.70 10.29
N VAL B 234 15.40 -8.93 9.23
CA VAL B 234 16.33 -8.89 8.11
C VAL B 234 17.69 -8.38 8.57
N LYS B 235 17.70 -7.41 9.49
CA LYS B 235 18.98 -6.92 10.02
C LYS B 235 19.61 -7.92 10.98
N TYR B 236 18.80 -8.73 11.66
CA TYR B 236 19.32 -9.63 12.68
C TYR B 236 20.06 -10.82 12.10
N PHE B 237 19.79 -11.21 10.85
CA PHE B 237 20.40 -12.38 10.25
C PHE B 237 21.12 -12.06 8.95
N GLY B 238 21.51 -10.79 8.75
CA GLY B 238 22.27 -10.38 7.59
C GLY B 238 21.65 -10.77 6.26
N ALA B 239 20.32 -10.79 6.20
CA ALA B 239 19.59 -11.30 5.04
C ALA B 239 19.01 -10.19 4.18
N GLU B 240 19.73 -9.07 4.02
CA GLU B 240 19.26 -8.02 3.14
C GLU B 240 19.26 -8.48 1.68
N SER B 241 20.38 -9.07 1.24
CA SER B 241 20.50 -9.49 -0.16
C SER B 241 19.52 -10.61 -0.49
N ARG B 242 19.27 -11.51 0.47
CA ARG B 242 18.29 -12.57 0.24
C ARG B 242 16.92 -11.99 -0.08
N GLU B 243 16.46 -11.04 0.74
CA GLU B 243 15.18 -10.41 0.50
C GLU B 243 15.18 -9.59 -0.79
N GLU B 244 16.31 -8.96 -1.11
CA GLU B 244 16.42 -8.23 -2.37
C GLU B 244 16.18 -9.15 -3.56
N ALA B 245 16.86 -10.30 -3.58
CA ALA B 245 16.69 -11.24 -4.69
C ALA B 245 15.29 -11.84 -4.69
N ARG B 246 14.74 -12.10 -3.50
CA ARG B 246 13.38 -12.63 -3.39
C ARG B 246 12.38 -11.68 -4.03
N TYR B 247 12.47 -10.39 -3.69
CA TYR B 247 11.60 -9.40 -4.32
C TYR B 247 11.88 -9.23 -5.81
N ALA B 248 13.15 -9.36 -6.22
CA ALA B 248 13.51 -9.20 -7.62
C ALA B 248 12.88 -10.28 -8.49
N SER B 249 12.82 -11.51 -7.98
CA SER B 249 12.18 -12.58 -8.75
C SER B 249 10.72 -12.26 -9.05
N ALA B 250 9.96 -11.89 -8.01
CA ALA B 250 8.56 -11.51 -8.21
C ALA B 250 8.45 -10.30 -9.12
N ALA B 251 9.39 -9.36 -9.02
CA ALA B 251 9.33 -8.15 -9.83
C ALA B 251 9.49 -8.47 -11.30
N ARG B 252 10.46 -9.33 -11.66
CA ARG B 252 10.63 -9.67 -13.06
C ARG B 252 9.52 -10.57 -13.57
N ALA B 253 8.95 -11.41 -12.71
CA ALA B 253 7.77 -12.18 -13.11
C ALA B 253 6.61 -11.25 -13.48
N TYR B 254 6.31 -10.29 -12.61
CA TYR B 254 5.27 -9.31 -12.91
C TYR B 254 5.62 -8.50 -14.15
N ALA B 255 6.91 -8.21 -14.37
CA ALA B 255 7.31 -7.45 -15.55
C ALA B 255 6.99 -8.23 -16.83
N ASP B 256 7.31 -9.53 -16.85
CA ASP B 256 6.96 -10.36 -18.00
C ASP B 256 5.45 -10.40 -18.22
N ALA B 257 4.68 -10.58 -17.14
CA ALA B 257 3.23 -10.62 -17.27
C ALA B 257 2.68 -9.31 -17.82
N ALA B 258 3.23 -8.18 -17.36
CA ALA B 258 2.77 -6.88 -17.83
C ALA B 258 3.15 -6.66 -19.29
N VAL B 259 4.33 -7.12 -19.69
CA VAL B 259 4.72 -7.05 -21.10
C VAL B 259 3.70 -7.79 -21.96
N LYS B 260 3.34 -9.01 -21.56
CA LYS B 260 2.36 -9.77 -22.32
C LYS B 260 1.02 -9.06 -22.38
N SER B 261 0.55 -8.53 -21.24
CA SER B 261 -0.75 -7.85 -21.23
C SER B 261 -0.76 -6.62 -22.13
N GLU B 262 0.31 -5.82 -22.08
CA GLU B 262 0.36 -4.61 -22.90
C GLU B 262 0.51 -4.94 -24.38
N ASN B 263 1.22 -6.03 -24.71
CA ASN B 263 1.30 -6.45 -26.10
C ASN B 263 -0.07 -6.91 -26.61
N SER B 264 -0.83 -7.60 -25.77
CA SER B 264 -2.20 -7.96 -26.14
C SER B 264 -3.06 -6.72 -26.36
N LEU B 265 -2.89 -5.71 -25.49
CA LEU B 265 -3.59 -4.44 -25.69
C LEU B 265 -3.24 -3.81 -27.03
N GLY B 266 -1.94 -3.81 -27.37
CA GLY B 266 -1.53 -3.26 -28.65
C GLY B 266 -2.10 -4.02 -29.84
N LEU B 267 -2.17 -5.35 -29.72
CA LEU B 267 -2.78 -6.15 -30.78
C LEU B 267 -4.26 -5.81 -30.97
N LEU B 268 -4.99 -5.71 -29.85
CA LEU B 268 -6.40 -5.31 -29.94
C LEU B 268 -6.54 -3.94 -30.58
N ASN B 269 -5.66 -3.00 -30.22
CA ASN B 269 -5.71 -1.67 -30.82
C ASN B 269 -5.44 -1.72 -32.31
N ILE B 270 -4.50 -2.56 -32.73
CA ILE B 270 -4.20 -2.67 -34.17
C ILE B 270 -5.38 -3.26 -34.92
N ALA B 271 -6.07 -4.24 -34.33
CA ALA B 271 -7.26 -4.79 -34.97
C ALA B 271 -8.35 -3.74 -35.09
N GLN B 272 -8.58 -2.99 -34.02
CA GLN B 272 -9.59 -1.93 -34.04
C GLN B 272 -9.25 -0.88 -35.09
N ALA B 273 -7.97 -0.51 -35.18
CA ALA B 273 -7.56 0.49 -36.17
C ALA B 273 -7.74 -0.03 -37.59
N LEU B 274 -7.44 -1.31 -37.82
CA LEU B 274 -7.69 -1.90 -39.14
C LEU B 274 -9.17 -1.80 -39.50
N ILE B 275 -10.04 -2.18 -38.57
CA ILE B 275 -11.47 -2.12 -38.83
C ILE B 275 -11.90 -0.69 -39.15
N VAL B 276 -11.44 0.27 -38.34
CA VAL B 276 -11.85 1.66 -38.53
C VAL B 276 -11.37 2.20 -39.87
N ASN B 277 -10.12 1.91 -40.23
CA ASN B 277 -9.56 2.45 -41.46
C ASN B 277 -10.19 1.81 -42.70
N LEU B 278 -10.50 0.51 -42.63
CA LEU B 278 -11.18 -0.10 -43.77
C LEU B 278 -12.60 0.41 -43.90
N LEU B 279 -13.28 0.68 -42.78
CA LEU B 279 -14.60 1.28 -42.86
C LEU B 279 -14.52 2.70 -43.44
N MSE B 280 -13.48 3.44 -43.08
CA MSE B 280 -13.26 4.78 -43.63
C MSE B 280 -13.04 4.73 -45.14
O MSE B 280 -13.58 5.55 -45.89
CB MSE B 280 -12.06 5.45 -42.97
CG MSE B 280 -12.30 5.96 -41.56
SE MSE B 280 -10.84 7.10 -40.96
CE MSE B 280 -11.45 7.45 -39.15
N ALA B 281 -12.23 3.76 -45.58
CA ALA B 281 -12.00 3.58 -47.02
C ALA B 281 -13.30 3.25 -47.73
N GLY B 282 -14.09 2.33 -47.17
CA GLY B 282 -15.37 1.99 -47.77
C GLY B 282 -16.35 3.14 -47.81
N ALA B 283 -16.28 4.03 -46.81
CA ALA B 283 -17.17 5.17 -46.76
C ALA B 283 -16.73 6.28 -47.71
N MSE B 284 -15.42 6.42 -47.95
CA MSE B 284 -14.93 7.46 -48.86
C MSE B 284 -14.91 6.98 -50.31
O MSE B 284 -14.76 7.78 -51.23
CB MSE B 284 -13.52 7.89 -48.45
CG MSE B 284 -13.47 8.71 -47.17
SE MSE B 284 -11.68 9.44 -46.83
CE MSE B 284 -11.47 10.49 -48.45
N ALA B 285 -15.08 5.67 -50.50
CA ALA B 285 -15.10 5.08 -51.84
C ALA B 285 -16.50 5.00 -52.44
N TRP B 286 -17.52 4.80 -51.59
CA TRP B 286 -18.90 4.63 -52.04
C TRP B 286 -19.62 5.95 -52.29
N THR B 287 -18.98 7.09 -52.05
CA THR B 287 -19.64 8.38 -52.28
C THR B 287 -19.49 8.89 -53.69
N VAL B 288 -18.38 8.60 -54.36
CA VAL B 288 -18.12 9.06 -55.72
C VAL B 288 -18.67 8.05 -56.72
N TYR B 289 -19.37 7.03 -56.22
CA TYR B 289 -19.76 5.91 -57.07
C TYR B 289 -20.81 6.34 -58.09
N GLY B 290 -21.76 7.18 -57.69
CA GLY B 290 -22.82 7.58 -58.61
C GLY B 290 -22.31 8.49 -59.71
N TRP B 291 -21.67 9.59 -59.33
CA TRP B 291 -21.14 10.57 -60.27
C TRP B 291 -19.86 11.16 -59.70
N SER B 292 -19.14 11.91 -60.56
CA SER B 292 -17.95 12.60 -60.08
C SER B 292 -18.31 13.74 -59.15
N GLN B 293 -19.48 14.34 -59.32
CA GLN B 293 -19.95 15.42 -58.47
C GLN B 293 -20.95 14.94 -57.42
N GLY B 294 -21.82 13.99 -57.77
CA GLY B 294 -22.81 13.51 -56.84
C GLY B 294 -24.01 14.45 -56.75
N LYS B 295 -24.78 14.27 -55.67
CA LYS B 295 -25.91 15.16 -55.44
C LYS B 295 -25.45 16.55 -55.04
N LEU B 296 -24.43 16.63 -54.19
CA LEU B 296 -23.84 17.90 -53.78
C LEU B 296 -22.34 17.81 -54.01
N THR B 297 -21.84 18.59 -54.98
CA THR B 297 -20.44 18.48 -55.38
C THR B 297 -19.50 18.87 -54.25
N VAL B 298 -19.85 19.89 -53.49
CA VAL B 298 -19.06 20.32 -52.34
C VAL B 298 -19.95 20.25 -51.11
N GLY B 299 -19.51 19.49 -50.11
CA GLY B 299 -20.27 19.28 -48.90
C GLY B 299 -20.45 17.81 -48.55
N ASP B 300 -20.75 16.98 -49.56
CA ASP B 300 -20.92 15.56 -49.30
C ASP B 300 -19.63 14.96 -48.75
N LEU B 301 -18.50 15.24 -49.41
CA LEU B 301 -17.25 14.61 -49.04
C LEU B 301 -16.77 15.13 -47.68
N VAL B 302 -16.98 16.42 -47.42
CA VAL B 302 -16.54 17.00 -46.15
C VAL B 302 -17.42 16.48 -45.01
N PHE B 303 -18.72 16.34 -45.26
CA PHE B 303 -19.60 15.69 -44.29
C PHE B 303 -19.10 14.30 -43.96
N VAL B 304 -18.76 13.52 -44.98
CA VAL B 304 -18.32 12.14 -44.77
C VAL B 304 -17.02 12.10 -43.98
N ASN B 305 -16.05 12.94 -44.36
CA ASN B 305 -14.74 12.85 -43.71
C ASN B 305 -14.79 13.40 -42.28
N THR B 306 -15.57 14.46 -42.05
CA THR B 306 -15.74 14.96 -40.70
C THR B 306 -16.42 13.92 -39.82
N TYR B 307 -17.43 13.22 -40.36
CA TYR B 307 -18.09 12.19 -39.57
C TYR B 307 -17.17 10.99 -39.34
N LEU B 308 -16.27 10.70 -40.27
CA LEU B 308 -15.31 9.63 -40.04
C LEU B 308 -14.31 9.99 -38.95
N THR B 309 -13.85 11.25 -38.94
CA THR B 309 -12.95 11.69 -37.89
C THR B 309 -13.65 11.69 -36.54
N GLN B 310 -14.87 12.22 -36.47
CA GLN B 310 -15.66 12.19 -35.24
C GLN B 310 -16.26 10.82 -34.94
N LEU B 311 -16.04 9.82 -35.80
CA LEU B 311 -16.39 8.44 -35.51
C LEU B 311 -15.21 7.65 -34.97
N PHE B 312 -13.99 8.00 -35.37
CA PHE B 312 -12.81 7.35 -34.78
C PHE B 312 -12.71 7.66 -33.30
N ARG B 313 -13.20 8.82 -32.86
CA ARG B 313 -13.19 9.14 -31.43
C ARG B 313 -14.10 8.24 -30.62
N PRO B 314 -15.38 8.04 -30.97
CA PRO B 314 -16.21 7.14 -30.15
C PRO B 314 -15.78 5.69 -30.20
N LEU B 315 -15.18 5.21 -31.29
CA LEU B 315 -14.71 3.83 -31.27
C LEU B 315 -13.47 3.68 -30.39
N ASP B 316 -12.51 4.61 -30.53
CA ASP B 316 -11.33 4.60 -29.68
C ASP B 316 -11.71 4.71 -28.21
N MSE B 317 -12.72 5.51 -27.89
CA MSE B 317 -13.14 5.67 -26.51
C MSE B 317 -13.99 4.49 -26.06
O MSE B 317 -13.89 4.07 -24.93
CB MSE B 317 -13.92 6.98 -26.33
CG MSE B 317 -13.07 8.22 -26.56
SE MSE B 317 -14.02 9.88 -26.14
CE MSE B 317 -13.86 9.84 -24.20
N LEU B 318 -14.80 3.92 -26.97
CA LEU B 318 -15.77 2.91 -26.58
C LEU B 318 -15.13 1.56 -26.37
N GLY B 319 -14.17 1.16 -27.21
CA GLY B 319 -13.45 -0.07 -26.95
C GLY B 319 -12.70 -0.02 -25.63
N MSE B 320 -11.96 1.07 -25.43
CA MSE B 320 -11.17 1.25 -24.22
C MSE B 320 -12.05 1.36 -22.99
O MSE B 320 -11.73 0.78 -21.96
CB MSE B 320 -10.29 2.50 -24.35
CG MSE B 320 -9.22 2.61 -23.28
SE MSE B 320 -7.90 4.00 -23.65
CE MSE B 320 -6.71 3.71 -22.13
N VAL B 321 -13.19 2.03 -23.10
CA VAL B 321 -14.08 2.17 -21.95
C VAL B 321 -14.83 0.87 -21.68
N TYR B 322 -15.19 0.10 -22.71
CA TYR B 322 -15.84 -1.17 -22.47
C TYR B 322 -14.90 -2.13 -21.76
N ARG B 323 -13.66 -2.24 -22.25
CA ARG B 323 -12.69 -3.09 -21.56
C ARG B 323 -12.31 -2.52 -20.19
N THR B 324 -12.33 -1.19 -20.04
CA THR B 324 -12.06 -0.56 -18.76
C THR B 324 -13.13 -0.91 -17.74
N ILE B 325 -14.40 -0.81 -18.15
CA ILE B 325 -15.50 -1.17 -17.25
C ILE B 325 -15.50 -2.66 -16.98
N ARG B 326 -15.10 -3.47 -17.96
CA ARG B 326 -14.95 -4.91 -17.72
C ARG B 326 -13.92 -5.16 -16.62
N GLN B 327 -12.74 -4.56 -16.74
CA GLN B 327 -11.71 -4.73 -15.73
C GLN B 327 -12.11 -4.08 -14.41
N GLY B 328 -12.89 -3.01 -14.45
CA GLY B 328 -13.36 -2.40 -13.22
C GLY B 328 -14.34 -3.27 -12.48
N LEU B 329 -15.25 -3.91 -13.23
CA LEU B 329 -16.17 -4.87 -12.62
C LEU B 329 -15.43 -6.09 -12.12
N ILE B 330 -14.36 -6.51 -12.81
CA ILE B 330 -13.63 -7.68 -12.32
C ILE B 330 -12.80 -7.32 -11.09
N ASP B 331 -12.32 -6.08 -11.01
CA ASP B 331 -11.59 -5.64 -9.82
C ASP B 331 -12.54 -5.43 -8.65
N MSE B 332 -13.75 -4.95 -8.93
CA MSE B 332 -14.78 -4.81 -7.92
C MSE B 332 -15.19 -6.20 -7.44
O MSE B 332 -15.39 -6.40 -6.25
CB MSE B 332 -15.99 -4.06 -8.48
CG MSE B 332 -17.15 -3.90 -7.51
SE MSE B 332 -18.60 -2.81 -8.22
CE MSE B 332 -19.87 -3.00 -6.76
N ALA B 333 -15.30 -7.15 -8.36
CA ALA B 333 -15.61 -8.52 -7.97
C ALA B 333 -14.51 -9.12 -7.12
N GLU B 334 -13.24 -8.84 -7.46
CA GLU B 334 -12.11 -9.31 -6.66
C GLU B 334 -12.15 -8.71 -5.25
N MSE B 335 -12.26 -7.39 -5.16
CA MSE B 335 -12.30 -6.67 -3.90
C MSE B 335 -13.46 -7.11 -3.02
O MSE B 335 -13.28 -7.41 -1.85
CB MSE B 335 -12.38 -5.17 -4.16
CG MSE B 335 -12.28 -4.31 -2.92
SE MSE B 335 -13.14 -2.59 -3.21
CE MSE B 335 -11.93 -1.46 -2.18
N PHE B 336 -14.66 -7.16 -3.61
CA PHE B 336 -15.86 -7.56 -2.88
C PHE B 336 -15.88 -9.06 -2.59
N ARG B 337 -15.14 -9.85 -3.36
CA ARG B 337 -14.91 -11.25 -3.00
C ARG B 337 -14.09 -11.32 -1.71
N LEU B 338 -13.02 -10.54 -1.65
CA LEU B 338 -12.23 -10.48 -0.42
C LEU B 338 -13.04 -9.92 0.74
N ILE B 339 -13.89 -8.93 0.48
CA ILE B 339 -14.59 -8.23 1.56
C ILE B 339 -15.78 -9.03 2.08
N ASP B 340 -16.70 -9.43 1.18
CA ASP B 340 -17.97 -10.00 1.64
C ASP B 340 -17.92 -11.49 1.95
N THR B 341 -16.94 -12.23 1.43
CA THR B 341 -16.85 -13.66 1.74
C THR B 341 -16.55 -13.93 3.21
N HIS B 342 -16.12 -12.93 3.97
CA HIS B 342 -15.63 -13.14 5.34
C HIS B 342 -16.78 -12.91 6.32
N ILE B 343 -17.57 -13.94 6.54
CA ILE B 343 -18.62 -13.89 7.56
C ILE B 343 -18.49 -15.10 8.49
N GLU B 344 -17.64 -14.97 9.51
CA GLU B 344 -17.44 -16.07 10.45
C GLU B 344 -18.37 -15.97 11.66
N VAL B 345 -18.24 -14.87 12.41
CA VAL B 345 -19.01 -14.66 13.63
C VAL B 345 -20.06 -13.59 13.36
N ALA B 346 -21.31 -13.91 13.65
CA ALA B 346 -22.40 -12.98 13.45
C ALA B 346 -23.42 -13.13 14.56
N ASP B 347 -24.18 -12.07 14.79
CA ASP B 347 -25.23 -12.08 15.80
C ASP B 347 -26.44 -12.86 15.29
N VAL B 348 -27.11 -13.54 16.21
CA VAL B 348 -28.34 -14.25 15.88
C VAL B 348 -29.41 -13.19 15.61
N PRO B 349 -30.44 -13.50 14.82
CA PRO B 349 -31.46 -12.49 14.52
C PRO B 349 -32.18 -12.03 15.78
N ASN B 350 -32.28 -10.70 15.92
CA ASN B 350 -32.93 -10.07 17.09
C ASN B 350 -32.27 -10.51 18.39
N ALA B 351 -30.96 -10.32 18.46
CA ALA B 351 -30.18 -10.77 19.61
C ALA B 351 -30.28 -9.74 20.74
N PRO B 352 -30.63 -10.17 21.95
CA PRO B 352 -30.64 -9.24 23.09
C PRO B 352 -29.24 -8.87 23.54
N ALA B 353 -29.14 -7.99 24.53
CA ALA B 353 -27.84 -7.57 25.06
C ALA B 353 -27.44 -8.43 26.25
N LEU B 354 -26.19 -8.28 26.67
CA LEU B 354 -25.65 -9.01 27.81
C LEU B 354 -25.97 -8.24 29.09
N VAL B 355 -26.58 -8.93 30.05
CA VAL B 355 -26.97 -8.34 31.32
C VAL B 355 -26.08 -8.96 32.39
N VAL B 356 -25.03 -8.23 32.78
CA VAL B 356 -24.01 -8.77 33.70
C VAL B 356 -24.46 -8.40 35.11
N ASN B 357 -25.27 -9.27 35.71
CA ASN B 357 -25.61 -9.16 37.12
C ASN B 357 -24.58 -9.82 38.01
N ARG B 358 -23.98 -10.91 37.54
CA ARG B 358 -22.93 -11.64 38.26
C ARG B 358 -21.85 -12.04 37.28
N PRO B 359 -20.66 -11.43 37.36
CA PRO B 359 -19.60 -11.72 36.38
C PRO B 359 -19.02 -13.12 36.54
N SER B 360 -19.77 -14.12 36.06
CA SER B 360 -19.41 -15.53 36.14
C SER B 360 -19.22 -16.13 34.74
N VAL B 361 -18.10 -16.82 34.54
CA VAL B 361 -17.78 -17.45 33.26
C VAL B 361 -18.07 -18.94 33.36
N THR B 362 -18.58 -19.53 32.27
CA THR B 362 -18.94 -20.95 32.28
C THR B 362 -18.59 -21.56 30.92
N PHE B 363 -17.53 -22.35 30.85
CA PHE B 363 -17.22 -23.13 29.66
C PHE B 363 -17.92 -24.49 29.77
N ASP B 364 -18.93 -24.71 28.93
CA ASP B 364 -19.75 -25.92 28.97
C ASP B 364 -19.40 -26.81 27.78
N ASN B 365 -18.60 -27.85 28.04
CA ASN B 365 -18.27 -28.87 27.05
C ASN B 365 -17.72 -28.26 25.75
N VAL B 366 -16.85 -27.27 25.91
CA VAL B 366 -16.35 -26.51 24.76
C VAL B 366 -15.42 -27.40 23.93
N VAL B 367 -15.77 -27.59 22.67
CA VAL B 367 -14.93 -28.26 21.69
C VAL B 367 -14.63 -27.27 20.58
N PHE B 368 -13.34 -27.06 20.30
CA PHE B 368 -12.97 -26.06 19.33
C PHE B 368 -11.61 -26.39 18.71
N GLY B 369 -11.46 -26.03 17.45
CA GLY B 369 -10.19 -26.02 16.77
C GLY B 369 -10.15 -24.89 15.75
N TYR B 370 -9.00 -24.25 15.59
CA TYR B 370 -8.89 -23.16 14.63
C TYR B 370 -9.13 -23.67 13.21
N ASP B 371 -8.42 -24.70 12.81
CA ASP B 371 -8.65 -25.39 11.56
C ASP B 371 -9.27 -26.76 11.83
N ARG B 372 -10.04 -27.26 10.86
CA ARG B 372 -10.73 -28.52 11.04
C ARG B 372 -9.77 -29.71 11.05
N ASP B 373 -8.53 -29.53 10.60
CA ASP B 373 -7.56 -30.63 10.56
C ASP B 373 -6.83 -30.83 11.89
N ARG B 374 -7.07 -29.97 12.89
CA ARG B 374 -6.40 -30.11 14.19
C ARG B 374 -7.31 -29.52 15.26
N GLU B 375 -7.92 -30.37 16.06
CA GLU B 375 -8.75 -29.93 17.18
C GLU B 375 -7.87 -29.47 18.34
N ILE B 376 -8.23 -28.35 18.94
CA ILE B 376 -7.42 -27.73 19.99
C ILE B 376 -8.02 -27.95 21.37
N LEU B 377 -9.31 -27.66 21.53
CA LEU B 377 -10.00 -27.82 22.80
C LEU B 377 -10.95 -29.01 22.71
N HIS B 378 -10.82 -29.95 23.65
CA HIS B 378 -11.57 -31.19 23.66
C HIS B 378 -12.49 -31.22 24.87
N GLY B 379 -13.73 -30.76 24.69
CA GLY B 379 -14.74 -30.80 25.73
C GLY B 379 -14.36 -30.08 27.01
N LEU B 380 -13.92 -28.84 26.90
CA LEU B 380 -13.47 -28.09 28.06
C LEU B 380 -14.67 -27.53 28.81
N SER B 381 -14.69 -27.74 30.13
CA SER B 381 -15.78 -27.26 30.99
C SER B 381 -15.18 -26.78 32.30
N PHE B 382 -15.44 -25.51 32.63
CA PHE B 382 -15.03 -24.99 33.93
C PHE B 382 -15.89 -23.79 34.28
N GLU B 383 -16.08 -23.57 35.58
CA GLU B 383 -16.95 -22.51 36.10
C GLU B 383 -16.11 -21.51 36.87
N VAL B 384 -15.81 -20.36 36.26
CA VAL B 384 -15.18 -19.25 36.96
C VAL B 384 -16.25 -18.49 37.72
N ALA B 385 -16.15 -18.52 39.05
CA ALA B 385 -17.18 -17.96 39.91
C ALA B 385 -17.24 -16.45 39.80
N ALA B 386 -18.43 -15.91 40.05
CA ALA B 386 -18.64 -14.47 39.98
C ALA B 386 -17.87 -13.75 41.08
N GLY B 387 -17.09 -12.74 40.69
CA GLY B 387 -16.32 -11.98 41.65
C GLY B 387 -15.12 -12.70 42.22
N SER B 388 -14.70 -13.81 41.61
CA SER B 388 -13.54 -14.56 42.05
C SER B 388 -12.30 -14.17 41.24
N ARG B 389 -11.16 -14.69 41.67
CA ARG B 389 -9.87 -14.41 41.05
C ARG B 389 -9.29 -15.75 40.60
N VAL B 390 -9.57 -16.12 39.35
CA VAL B 390 -9.20 -17.43 38.81
C VAL B 390 -7.98 -17.28 37.91
N ALA B 391 -7.03 -18.20 38.06
CA ALA B 391 -5.84 -18.25 37.22
C ALA B 391 -5.96 -19.40 36.24
N ILE B 392 -5.37 -19.21 35.05
CA ILE B 392 -5.31 -20.26 34.03
C ILE B 392 -3.83 -20.46 33.69
N VAL B 393 -3.31 -21.65 33.96
CA VAL B 393 -1.90 -21.97 33.77
C VAL B 393 -1.78 -23.24 32.94
N GLY B 394 -0.55 -23.56 32.58
CA GLY B 394 -0.27 -24.73 31.78
C GLY B 394 0.94 -24.55 30.89
N PRO B 395 1.40 -25.64 30.28
CA PRO B 395 2.58 -25.56 29.41
C PRO B 395 2.30 -24.79 28.14
N SER B 396 3.38 -24.33 27.51
CA SER B 396 3.26 -23.59 26.26
C SER B 396 2.57 -24.43 25.19
N GLY B 397 1.58 -23.85 24.54
CA GLY B 397 0.80 -24.55 23.53
C GLY B 397 -0.45 -25.24 24.05
N ALA B 398 -0.71 -25.19 25.36
CA ALA B 398 -1.84 -25.90 25.94
C ALA B 398 -3.20 -25.37 25.50
N GLY B 399 -3.28 -24.12 25.03
CA GLY B 399 -4.54 -23.52 24.64
C GLY B 399 -5.17 -22.59 25.65
N LYS B 400 -4.38 -21.65 26.18
CA LYS B 400 -4.92 -20.66 27.10
C LYS B 400 -5.42 -19.41 26.36
N SER B 401 -4.58 -18.87 25.48
CA SER B 401 -5.03 -17.76 24.64
C SER B 401 -6.19 -18.16 23.74
N THR B 402 -6.35 -19.46 23.46
CA THR B 402 -7.54 -19.88 22.73
C THR B 402 -8.78 -19.76 23.63
N ILE B 403 -8.63 -20.03 24.92
CA ILE B 403 -9.73 -19.78 25.86
C ILE B 403 -10.08 -18.30 25.88
N ALA B 404 -9.06 -17.44 25.90
CA ALA B 404 -9.30 -16.01 25.88
C ALA B 404 -10.02 -15.58 24.61
N ARG B 405 -9.56 -16.06 23.45
CA ARG B 405 -10.16 -15.67 22.18
C ARG B 405 -11.58 -16.20 22.04
N LEU B 406 -11.84 -17.40 22.54
CA LEU B 406 -13.19 -17.94 22.49
C LEU B 406 -14.13 -17.20 23.44
N LEU B 407 -13.60 -16.73 24.57
CA LEU B 407 -14.43 -15.93 25.48
C LEU B 407 -14.84 -14.62 24.82
N PHE B 408 -13.95 -14.03 24.02
CA PHE B 408 -14.24 -12.81 23.27
C PHE B 408 -15.06 -13.06 22.02
N ARG B 409 -15.33 -14.32 21.67
CA ARG B 409 -16.09 -14.68 20.48
C ARG B 409 -15.40 -14.22 19.20
N PHE B 410 -14.06 -14.34 19.17
CA PHE B 410 -13.36 -14.21 17.90
C PHE B 410 -13.65 -15.40 17.00
N TYR B 411 -13.80 -16.58 17.59
CA TYR B 411 -14.23 -17.79 16.87
C TYR B 411 -15.40 -18.41 17.61
N ASP B 412 -16.16 -19.23 16.88
CA ASP B 412 -17.20 -19.98 17.56
C ASP B 412 -16.74 -21.41 17.80
N PRO B 413 -17.13 -22.02 18.92
CA PRO B 413 -16.71 -23.39 19.22
C PRO B 413 -17.41 -24.39 18.32
N TRP B 414 -16.78 -25.55 18.15
CA TRP B 414 -17.40 -26.62 17.38
C TRP B 414 -18.56 -27.24 18.16
N GLU B 415 -18.31 -27.65 19.40
CA GLU B 415 -19.35 -28.16 20.29
C GLU B 415 -19.29 -27.40 21.61
N GLY B 416 -20.33 -27.56 22.41
CA GLY B 416 -20.40 -26.86 23.68
C GLY B 416 -20.69 -25.37 23.49
N ARG B 417 -20.62 -24.64 24.60
CA ARG B 417 -20.93 -23.23 24.57
C ARG B 417 -20.21 -22.51 25.71
N ILE B 418 -20.33 -21.18 25.70
CA ILE B 418 -19.73 -20.32 26.71
C ILE B 418 -20.82 -19.41 27.27
N LEU B 419 -20.88 -19.32 28.59
CA LEU B 419 -21.92 -18.55 29.28
C LEU B 419 -21.28 -17.47 30.14
N ILE B 420 -21.87 -16.29 30.13
CA ILE B 420 -21.54 -15.22 31.08
C ILE B 420 -22.81 -14.89 31.84
N ASP B 421 -22.83 -15.22 33.13
CA ASP B 421 -24.00 -15.07 33.98
C ASP B 421 -25.20 -15.82 33.40
N GLY B 422 -24.97 -17.08 33.04
CA GLY B 422 -26.01 -17.94 32.52
C GLY B 422 -26.56 -17.57 31.16
N GLN B 423 -25.93 -16.64 30.45
CA GLN B 423 -26.38 -16.20 29.14
C GLN B 423 -25.40 -16.72 28.08
N ASP B 424 -25.95 -17.36 27.05
CA ASP B 424 -25.12 -17.93 26.00
C ASP B 424 -24.44 -16.81 25.21
N ILE B 425 -23.11 -16.90 25.09
CA ILE B 425 -22.35 -15.92 24.32
C ILE B 425 -22.77 -15.94 22.86
N ALA B 426 -23.15 -17.11 22.34
CA ALA B 426 -23.54 -17.23 20.96
C ALA B 426 -24.88 -16.57 20.67
N HIS B 427 -25.70 -16.33 21.69
CA HIS B 427 -27.04 -15.78 21.52
C HIS B 427 -27.15 -14.34 21.98
N VAL B 428 -26.03 -13.63 22.10
CA VAL B 428 -26.01 -12.23 22.51
C VAL B 428 -25.19 -11.43 21.51
N THR B 429 -25.49 -10.14 21.42
CA THR B 429 -24.77 -9.26 20.52
C THR B 429 -23.29 -9.21 20.86
N GLN B 430 -22.46 -9.10 19.82
CA GLN B 430 -21.02 -9.05 20.04
C GLN B 430 -20.61 -7.77 20.76
N THR B 431 -21.30 -6.66 20.51
CA THR B 431 -20.91 -5.39 21.12
C THR B 431 -21.09 -5.41 22.63
N SER B 432 -22.26 -5.87 23.10
CA SER B 432 -22.50 -5.95 24.53
C SER B 432 -21.58 -6.97 25.20
N LEU B 433 -21.23 -8.05 24.49
CA LEU B 433 -20.31 -9.03 25.05
C LEU B 433 -18.91 -8.43 25.22
N ARG B 434 -18.35 -7.87 24.16
CA ARG B 434 -17.01 -7.32 24.23
C ARG B 434 -16.93 -6.07 25.10
N ALA B 435 -18.06 -5.39 25.31
CA ALA B 435 -18.07 -4.28 26.25
C ALA B 435 -17.94 -4.75 27.69
N ALA B 436 -18.48 -5.93 27.99
CA ALA B 436 -18.39 -6.50 29.33
C ALA B 436 -17.04 -7.17 29.60
N LEU B 437 -16.11 -7.13 28.65
CA LEU B 437 -14.81 -7.81 28.79
C LEU B 437 -13.69 -6.82 28.51
N GLY B 438 -12.65 -6.87 29.34
CA GLY B 438 -11.45 -6.09 29.11
C GLY B 438 -10.22 -6.94 29.25
N ILE B 439 -9.32 -6.88 28.28
CA ILE B 439 -8.23 -7.84 28.18
C ILE B 439 -6.91 -7.08 27.99
N VAL B 440 -5.89 -7.50 28.73
CA VAL B 440 -4.50 -7.18 28.43
C VAL B 440 -3.94 -8.37 27.63
N PRO B 441 -3.70 -8.22 26.33
CA PRO B 441 -3.43 -9.39 25.49
C PRO B 441 -1.98 -9.84 25.59
N GLN B 442 -1.76 -11.06 25.10
CA GLN B 442 -0.41 -11.62 25.05
C GLN B 442 0.51 -10.73 24.23
N ASP B 443 0.14 -10.48 22.97
CA ASP B 443 0.88 -9.59 22.08
C ASP B 443 0.02 -8.35 21.86
N SER B 444 0.34 -7.29 22.60
CA SER B 444 -0.41 -6.05 22.56
C SER B 444 0.20 -5.10 21.54
N VAL B 445 -0.67 -4.37 20.83
CA VAL B 445 -0.25 -3.39 19.83
C VAL B 445 -0.87 -2.05 20.16
N LEU B 446 -0.09 -0.98 19.99
CA LEU B 446 -0.54 0.38 20.24
C LEU B 446 -0.66 1.15 18.93
N PHE B 447 -1.46 2.21 18.96
CA PHE B 447 -1.60 3.09 17.81
C PHE B 447 -0.38 3.99 17.69
N ASN B 448 -0.05 4.35 16.45
CA ASN B 448 1.10 5.22 16.20
C ASN B 448 0.72 6.64 16.61
N ASP B 449 0.66 6.88 17.91
CA ASP B 449 0.21 8.15 18.45
C ASP B 449 0.95 8.38 19.77
N THR B 450 0.43 9.28 20.60
CA THR B 450 1.02 9.57 21.89
C THR B 450 0.57 8.54 22.94
N ILE B 451 1.25 8.56 24.09
CA ILE B 451 0.90 7.65 25.17
C ILE B 451 -0.51 7.92 25.69
N GLY B 452 -0.85 9.20 25.85
CA GLY B 452 -2.14 9.55 26.41
C GLY B 452 -3.30 9.06 25.58
N TYR B 453 -3.17 9.11 24.25
CA TYR B 453 -4.23 8.62 23.38
C TYR B 453 -4.45 7.12 23.59
N ASN B 454 -3.37 6.34 23.62
CA ASN B 454 -3.50 4.90 23.82
C ASN B 454 -4.11 4.59 25.18
N ILE B 455 -3.69 5.31 26.23
CA ILE B 455 -4.23 5.04 27.56
C ILE B 455 -5.71 5.39 27.63
N ALA B 456 -6.09 6.56 27.09
CA ALA B 456 -7.49 6.99 27.09
C ALA B 456 -8.35 6.18 26.14
N TYR B 457 -7.75 5.39 25.24
CA TYR B 457 -8.53 4.60 24.30
C TYR B 457 -9.50 3.64 24.96
N GLY B 458 -9.31 3.36 26.26
CA GLY B 458 -10.17 2.40 26.93
C GLY B 458 -11.64 2.78 26.86
N ARG B 459 -11.97 4.03 27.17
CA ARG B 459 -13.32 4.55 27.07
C ARG B 459 -13.37 5.67 26.04
N ASP B 460 -14.48 5.75 25.32
CA ASP B 460 -14.68 6.80 24.32
C ASP B 460 -14.79 8.15 25.03
N GLY B 461 -13.79 9.01 24.83
CA GLY B 461 -13.76 10.29 25.51
C GLY B 461 -13.47 10.17 26.99
N ALA B 462 -12.25 9.76 27.32
CA ALA B 462 -11.85 9.59 28.71
C ALA B 462 -11.26 10.89 29.25
N SER B 463 -11.67 11.25 30.46
CA SER B 463 -11.18 12.45 31.10
C SER B 463 -9.77 12.26 31.63
N ARG B 464 -9.03 13.37 31.71
CA ARG B 464 -7.66 13.31 32.22
C ARG B 464 -7.61 12.70 33.61
N ALA B 465 -8.67 12.85 34.39
CA ALA B 465 -8.73 12.19 35.69
C ALA B 465 -8.68 10.67 35.55
N GLU B 466 -9.50 10.12 34.65
CA GLU B 466 -9.51 8.66 34.46
C GLU B 466 -8.17 8.17 33.92
N VAL B 467 -7.60 8.90 32.98
CA VAL B 467 -6.34 8.50 32.37
C VAL B 467 -5.21 8.55 33.39
N ASP B 468 -5.19 9.60 34.22
CA ASP B 468 -4.18 9.69 35.27
C ASP B 468 -4.38 8.59 36.31
N ALA B 469 -5.63 8.25 36.62
CA ALA B 469 -5.88 7.17 37.57
C ALA B 469 -5.36 5.84 37.05
N ALA B 470 -5.62 5.56 35.77
CA ALA B 470 -5.11 4.32 35.19
C ALA B 470 -3.60 4.31 35.11
N ALA B 471 -2.99 5.43 34.72
CA ALA B 471 -1.54 5.50 34.65
C ALA B 471 -0.89 5.40 36.01
N LYS B 472 -1.58 5.81 37.07
CA LYS B 472 -1.04 5.66 38.41
C LYS B 472 -1.21 4.23 38.92
N GLY B 473 -2.36 3.62 38.64
CA GLY B 473 -2.58 2.24 39.02
C GLY B 473 -1.78 1.22 38.20
N ALA B 474 -1.11 1.67 37.14
CA ALA B 474 -0.31 0.78 36.30
C ALA B 474 1.18 1.00 36.46
N ALA B 475 1.60 1.63 37.56
CA ALA B 475 3.01 1.86 37.88
C ALA B 475 3.78 2.55 36.75
N ILE B 476 3.04 3.21 35.85
CA ILE B 476 3.64 3.98 34.76
C ILE B 476 3.58 5.48 35.00
N ALA B 477 2.92 5.92 36.07
CA ALA B 477 2.70 7.35 36.30
C ALA B 477 4.01 8.10 36.46
N ASP B 478 4.91 7.61 37.33
CA ASP B 478 6.17 8.31 37.55
C ASP B 478 7.00 8.37 36.27
N PHE B 479 6.95 7.31 35.47
CA PHE B 479 7.68 7.29 34.20
C PHE B 479 7.17 8.39 33.27
N ILE B 480 5.85 8.48 33.09
CA ILE B 480 5.28 9.51 32.24
C ILE B 480 5.57 10.89 32.80
N ALA B 481 5.57 11.03 34.13
CA ALA B 481 5.86 12.31 34.75
C ALA B 481 7.29 12.75 34.48
N ARG B 482 8.23 11.81 34.44
CA ARG B 482 9.61 12.13 34.09
C ARG B 482 9.80 12.34 32.59
N LEU B 483 8.77 12.11 31.78
CA LEU B 483 8.87 12.32 30.34
C LEU B 483 8.81 13.81 30.01
N PRO B 484 9.68 14.29 29.12
CA PRO B 484 9.61 15.71 28.74
C PRO B 484 8.29 16.11 28.11
N GLN B 485 7.76 15.28 27.21
CA GLN B 485 6.46 15.53 26.60
C GLN B 485 5.31 14.83 27.33
N GLY B 486 5.62 14.09 28.40
CA GLY B 486 4.60 13.42 29.20
C GLY B 486 3.66 12.55 28.41
N TYR B 487 2.35 12.83 28.53
CA TYR B 487 1.34 12.05 27.82
C TYR B 487 1.39 12.22 26.31
N ASP B 488 2.21 13.16 25.81
CA ASP B 488 2.29 13.42 24.38
C ASP B 488 3.54 12.83 23.74
N THR B 489 4.30 12.01 24.47
CA THR B 489 5.45 11.35 23.88
C THR B 489 5.01 10.33 22.83
N GLU B 490 5.76 10.27 21.75
CA GLU B 490 5.44 9.35 20.66
C GLU B 490 5.78 7.92 21.05
N VAL B 491 4.93 6.98 20.61
CA VAL B 491 5.18 5.56 20.81
C VAL B 491 5.57 4.84 19.53
N GLY B 492 5.43 5.49 18.37
CA GLY B 492 5.80 4.87 17.12
C GLY B 492 4.77 3.84 16.67
N GLU B 493 5.11 3.17 15.57
CA GLU B 493 4.23 2.14 15.03
C GLU B 493 4.21 0.93 15.95
N ARG B 494 3.00 0.47 16.28
CA ARG B 494 2.76 -0.66 17.18
C ARG B 494 3.23 -0.39 18.60
N GLY B 495 3.63 0.84 18.92
CA GLY B 495 4.14 1.15 20.23
C GLY B 495 5.55 0.67 20.50
N LEU B 496 6.34 0.48 19.45
CA LEU B 496 7.68 -0.10 19.58
C LEU B 496 8.73 0.93 19.99
N LYS B 497 8.38 2.20 20.14
CA LYS B 497 9.31 3.17 20.67
C LYS B 497 9.35 3.18 22.19
N LEU B 498 8.48 2.44 22.85
CA LEU B 498 8.52 2.23 24.29
C LEU B 498 9.13 0.87 24.60
N SER B 499 9.56 0.71 25.85
CA SER B 499 10.10 -0.58 26.27
C SER B 499 8.99 -1.62 26.35
N GLY B 500 9.39 -2.87 26.61
CA GLY B 500 8.41 -3.94 26.73
C GLY B 500 7.54 -3.77 27.96
N GLY B 501 8.17 -3.49 29.11
CA GLY B 501 7.40 -3.28 30.33
C GLY B 501 6.54 -2.03 30.27
N GLU B 502 7.06 -0.97 29.66
CA GLU B 502 6.26 0.25 29.49
C GLU B 502 5.04 -0.01 28.63
N LYS B 503 5.19 -0.77 27.55
CA LYS B 503 4.07 -1.10 26.68
C LYS B 503 3.06 -2.00 27.39
N GLN B 504 3.55 -2.98 28.17
CA GLN B 504 2.66 -3.81 28.96
C GLN B 504 1.83 -2.96 29.92
N ARG B 505 2.50 -2.04 30.63
CA ARG B 505 1.79 -1.17 31.57
C ARG B 505 0.83 -0.23 30.85
N VAL B 506 1.15 0.17 29.62
CA VAL B 506 0.22 0.97 28.84
C VAL B 506 -1.04 0.17 28.52
N ALA B 507 -0.87 -1.10 28.15
CA ALA B 507 -2.05 -1.94 27.90
C ALA B 507 -2.88 -2.15 29.17
N ILE B 508 -2.20 -2.32 30.31
CA ILE B 508 -2.91 -2.40 31.58
C ILE B 508 -3.68 -1.11 31.85
N ALA B 509 -3.07 0.03 31.53
CA ALA B 509 -3.75 1.31 31.72
C ALA B 509 -4.98 1.42 30.83
N ARG B 510 -4.89 0.95 29.59
CA ARG B 510 -6.05 0.93 28.70
C ARG B 510 -7.17 0.11 29.31
N THR B 511 -6.88 -1.13 29.71
CA THR B 511 -7.93 -1.98 30.26
C THR B 511 -8.46 -1.46 31.59
N LEU B 512 -7.66 -0.66 32.32
CA LEU B 512 -8.17 -0.02 33.53
C LEU B 512 -9.10 1.13 33.19
N VAL B 513 -8.74 1.94 32.19
CA VAL B 513 -9.62 3.02 31.75
C VAL B 513 -10.97 2.46 31.32
N LYS B 514 -10.97 1.36 30.57
CA LYS B 514 -12.24 0.77 30.15
C LYS B 514 -13.03 0.29 31.36
N ASN B 515 -12.37 -0.40 32.28
CA ASN B 515 -12.97 -0.87 33.53
C ASN B 515 -14.26 -1.68 33.30
N PRO B 516 -14.18 -2.83 32.65
CA PRO B 516 -15.37 -3.65 32.45
C PRO B 516 -15.55 -4.63 33.59
N PRO B 517 -16.70 -5.29 33.69
CA PRO B 517 -16.94 -6.20 34.83
C PRO B 517 -16.22 -7.54 34.74
N ILE B 518 -15.41 -7.77 33.71
CA ILE B 518 -14.64 -9.01 33.58
C ILE B 518 -13.27 -8.65 33.04
N LEU B 519 -12.23 -8.79 33.87
CA LEU B 519 -10.88 -8.45 33.51
C LEU B 519 -10.10 -9.73 33.21
N LEU B 520 -9.30 -9.69 32.14
CA LEU B 520 -8.55 -10.86 31.70
C LEU B 520 -7.14 -10.41 31.32
N PHE B 521 -6.14 -11.05 31.92
CA PHE B 521 -4.74 -10.71 31.71
C PHE B 521 -4.02 -11.91 31.11
N ASP B 522 -3.69 -11.83 29.82
CA ASP B 522 -3.03 -12.94 29.11
C ASP B 522 -1.53 -12.68 29.15
N GLN B 523 -0.86 -13.27 30.14
CA GLN B 523 0.58 -13.10 30.34
C GLN B 523 0.93 -11.62 30.46
N ALA B 524 0.21 -10.93 31.36
CA ALA B 524 0.29 -9.47 31.42
C ALA B 524 1.59 -8.99 32.06
N THR B 525 2.09 -9.70 33.07
CA THR B 525 3.27 -9.28 33.80
C THR B 525 4.54 -9.96 33.32
N SER B 526 4.60 -10.34 32.04
CA SER B 526 5.75 -11.06 31.52
C SER B 526 6.94 -10.13 31.33
N ALA B 527 6.73 -8.98 30.70
CA ALA B 527 7.81 -8.06 30.36
C ALA B 527 8.20 -7.15 31.52
N LEU B 528 7.67 -7.37 32.71
CA LEU B 528 7.94 -6.54 33.87
C LEU B 528 8.98 -7.19 34.77
N ASP B 529 9.74 -6.36 35.48
CA ASP B 529 10.61 -6.87 36.52
C ASP B 529 9.77 -7.24 37.75
N THR B 530 10.40 -7.95 38.68
CA THR B 530 9.67 -8.46 39.83
C THR B 530 9.10 -7.34 40.69
N ARG B 531 9.78 -6.20 40.75
CA ARG B 531 9.28 -5.07 41.53
C ARG B 531 8.01 -4.49 40.93
N THR B 532 8.10 -4.07 39.65
CA THR B 532 6.91 -3.58 38.96
C THR B 532 5.84 -4.66 38.85
N GLU B 533 6.24 -5.92 38.76
CA GLU B 533 5.26 -7.01 38.73
C GLU B 533 4.49 -7.10 40.04
N GLN B 534 5.18 -6.94 41.18
CA GLN B 534 4.49 -6.95 42.46
C GLN B 534 3.60 -5.73 42.62
N ASP B 535 4.04 -4.58 42.10
CA ASP B 535 3.17 -3.40 42.08
C ASP B 535 1.87 -3.67 41.32
N ILE B 536 1.99 -4.21 40.11
CA ILE B 536 0.81 -4.50 39.29
C ILE B 536 -0.04 -5.58 39.96
N LEU B 537 0.59 -6.51 40.68
CA LEU B 537 -0.17 -7.55 41.38
C LEU B 537 -1.00 -6.95 42.51
N SER B 538 -0.40 -6.06 43.30
CA SER B 538 -1.15 -5.36 44.34
C SER B 538 -2.30 -4.56 43.74
N THR B 539 -2.07 -3.94 42.57
CA THR B 539 -3.15 -3.23 41.90
C THR B 539 -4.28 -4.18 41.52
N MSE B 540 -3.95 -5.26 40.81
CA MSE B 540 -4.93 -6.23 40.33
C MSE B 540 -5.75 -6.82 41.48
O MSE B 540 -6.93 -7.16 41.32
CB MSE B 540 -4.25 -7.35 39.55
CG MSE B 540 -3.71 -6.92 38.20
SE MSE B 540 -3.03 -8.42 37.14
CE MSE B 540 -1.47 -8.88 38.20
N ARG B 541 -5.09 -6.96 42.64
CA ARG B 541 -5.79 -7.45 43.82
C ARG B 541 -6.69 -6.38 44.43
N ALA B 542 -6.27 -5.12 44.37
CA ALA B 542 -7.09 -4.02 44.89
C ALA B 542 -8.36 -3.82 44.07
N VAL B 543 -8.26 -3.93 42.74
CA VAL B 543 -9.39 -3.65 41.86
C VAL B 543 -10.24 -4.90 41.58
N ALA B 544 -10.05 -5.96 42.37
CA ALA B 544 -10.83 -7.19 42.25
C ALA B 544 -11.75 -7.39 43.45
N SER B 545 -12.40 -6.32 43.91
CA SER B 545 -13.25 -6.43 45.09
C SER B 545 -14.51 -7.23 44.83
N HIS B 546 -15.36 -6.78 43.89
CA HIS B 546 -16.53 -7.54 43.48
C HIS B 546 -16.54 -7.73 41.97
N ARG B 547 -15.36 -7.97 41.40
CA ARG B 547 -15.21 -8.17 39.96
C ARG B 547 -14.40 -9.42 39.68
N THR B 548 -14.62 -10.01 38.51
CA THR B 548 -13.96 -11.24 38.10
C THR B 548 -12.65 -10.94 37.38
N THR B 549 -11.60 -11.64 37.75
CA THR B 549 -10.26 -11.47 37.18
C THR B 549 -9.70 -12.83 36.78
N ILE B 550 -9.45 -13.01 35.49
CA ILE B 550 -8.89 -14.24 34.93
C ILE B 550 -7.48 -13.94 34.47
N SER B 551 -6.49 -14.49 35.17
CA SER B 551 -5.08 -14.24 34.90
C SER B 551 -4.44 -15.49 34.31
N ILE B 552 -4.09 -15.43 33.04
CA ILE B 552 -3.31 -16.48 32.38
C ILE B 552 -1.83 -16.13 32.54
N ALA B 553 -1.08 -17.00 33.20
CA ALA B 553 0.30 -16.69 33.53
C ALA B 553 1.15 -17.95 33.54
N HIS B 554 2.40 -17.82 33.12
CA HIS B 554 3.41 -18.85 33.30
C HIS B 554 4.28 -18.61 34.53
N ARG B 555 4.37 -17.37 34.99
CA ARG B 555 5.07 -17.05 36.24
C ARG B 555 4.11 -17.37 37.38
N LEU B 556 4.19 -18.62 37.87
CA LEU B 556 3.20 -19.12 38.81
C LEU B 556 3.17 -18.32 40.11
N SER B 557 4.33 -17.81 40.55
CA SER B 557 4.40 -17.09 41.82
C SER B 557 3.42 -15.93 41.87
N THR B 558 3.10 -15.33 40.72
CA THR B 558 2.16 -14.22 40.70
C THR B 558 0.74 -14.65 40.96
N ILE B 559 0.36 -15.86 40.52
CA ILE B 559 -1.00 -16.34 40.64
C ILE B 559 -1.17 -17.30 41.81
N ALA B 560 -0.20 -17.35 42.72
CA ALA B 560 -0.27 -18.29 43.83
C ALA B 560 -1.38 -17.94 44.81
N ASP B 561 -1.72 -16.65 44.92
CA ASP B 561 -2.77 -16.20 45.82
C ASP B 561 -4.15 -16.17 45.17
N SER B 562 -4.36 -16.97 44.13
CA SER B 562 -5.62 -16.97 43.42
C SER B 562 -6.66 -17.83 44.13
N ASP B 563 -7.93 -17.61 43.77
CA ASP B 563 -9.01 -18.41 44.34
C ASP B 563 -8.96 -19.84 43.83
N THR B 564 -8.92 -20.01 42.51
CA THR B 564 -8.74 -21.31 41.89
C THR B 564 -7.72 -21.21 40.78
N ILE B 565 -7.02 -22.31 40.53
CA ILE B 565 -6.02 -22.40 39.47
C ILE B 565 -6.42 -23.55 38.55
N LEU B 566 -6.69 -23.22 37.29
CA LEU B 566 -7.03 -24.20 36.27
C LEU B 566 -5.79 -24.53 35.46
N VAL B 567 -5.35 -25.78 35.54
CA VAL B 567 -4.19 -26.25 34.77
C VAL B 567 -4.70 -26.89 33.49
N LEU B 568 -4.20 -26.40 32.35
CA LEU B 568 -4.61 -26.88 31.05
C LEU B 568 -3.45 -27.65 30.41
N ASP B 569 -3.79 -28.77 29.75
CA ASP B 569 -2.79 -29.61 29.11
C ASP B 569 -3.38 -30.15 27.81
N GLN B 570 -2.77 -29.77 26.69
CA GLN B 570 -3.16 -30.27 25.36
C GLN B 570 -4.66 -30.08 25.11
N GLY B 571 -5.22 -29.00 25.64
CA GLY B 571 -6.63 -28.71 25.43
C GLY B 571 -7.59 -29.40 26.36
N ARG B 572 -7.12 -29.92 27.48
CA ARG B 572 -8.00 -30.54 28.47
C ARG B 572 -7.63 -30.03 29.86
N LEU B 573 -8.60 -30.12 30.77
CA LEU B 573 -8.41 -29.61 32.13
C LEU B 573 -7.72 -30.70 32.96
N ALA B 574 -6.42 -30.54 33.18
CA ALA B 574 -5.64 -31.53 33.90
C ALA B 574 -5.96 -31.52 35.39
N GLU B 575 -5.80 -30.36 36.04
CA GLU B 575 -6.04 -30.23 37.47
C GLU B 575 -6.76 -28.92 37.74
N GLN B 576 -7.28 -28.80 38.96
CA GLN B 576 -8.03 -27.62 39.37
C GLN B 576 -8.05 -27.57 40.88
N GLY B 577 -7.84 -26.38 41.43
CA GLY B 577 -7.90 -26.19 42.86
C GLY B 577 -6.96 -25.07 43.30
N SER B 578 -6.80 -24.97 44.62
CA SER B 578 -5.97 -23.94 45.21
C SER B 578 -4.50 -24.22 44.96
N HIS B 579 -3.67 -23.17 45.16
CA HIS B 579 -2.23 -23.34 45.06
C HIS B 579 -1.73 -24.41 46.03
N LEU B 580 -2.17 -24.33 47.28
CA LEU B 580 -1.77 -25.34 48.25
C LEU B 580 -2.33 -26.71 47.90
N ASP B 581 -3.58 -26.75 47.43
CA ASP B 581 -4.20 -28.02 47.05
C ASP B 581 -3.44 -28.67 45.89
N LEU B 582 -3.17 -27.90 44.84
CA LEU B 582 -2.47 -28.46 43.68
C LEU B 582 -1.02 -28.79 44.01
N LEU B 583 -0.38 -28.01 44.88
CA LEU B 583 0.98 -28.35 45.31
C LEU B 583 0.99 -29.65 46.10
N ARG B 584 -0.04 -29.89 46.91
CA ARG B 584 -0.12 -31.11 47.70
C ARG B 584 -0.49 -32.31 46.84
N ARG B 585 -1.33 -32.12 45.81
CA ARG B 585 -1.70 -33.23 44.93
C ARG B 585 -0.50 -33.77 44.16
N ASP B 586 0.56 -32.97 44.01
CA ASP B 586 1.81 -33.38 43.36
C ASP B 586 1.55 -33.94 41.96
N GLY B 587 0.90 -33.10 41.14
CA GLY B 587 0.62 -33.48 39.77
C GLY B 587 1.37 -32.63 38.78
N LEU B 588 0.66 -32.08 37.80
CA LEU B 588 1.31 -31.23 36.80
C LEU B 588 1.64 -29.86 37.35
N TYR B 589 0.74 -29.27 38.15
CA TYR B 589 0.98 -27.94 38.69
C TYR B 589 2.14 -27.94 39.67
N ALA B 590 2.17 -28.91 40.59
CA ALA B 590 3.25 -28.96 41.57
C ALA B 590 4.61 -29.06 40.89
N GLU B 591 4.76 -30.01 39.97
CA GLU B 591 6.01 -30.15 39.22
C GLU B 591 6.44 -28.81 38.65
N MSE B 592 5.59 -28.22 37.81
CA MSE B 592 5.82 -26.88 37.28
C MSE B 592 6.21 -25.91 38.38
O MSE B 592 7.23 -25.22 38.28
CB MSE B 592 4.57 -26.36 36.56
CG MSE B 592 4.28 -27.02 35.23
SE MSE B 592 2.95 -26.02 34.23
CE MSE B 592 3.85 -24.30 34.19
N TRP B 593 5.41 -25.87 39.46
CA TRP B 593 5.73 -24.95 40.55
C TRP B 593 7.07 -25.34 41.18
N ALA B 594 7.30 -26.64 41.40
CA ALA B 594 8.58 -27.07 41.92
C ALA B 594 9.69 -26.78 40.91
N ARG B 595 9.34 -26.72 39.63
CA ARG B 595 10.32 -26.38 38.60
C ARG B 595 10.73 -24.92 38.71
N GLN B 596 9.92 -24.07 39.32
CA GLN B 596 10.38 -22.74 39.67
C GLN B 596 11.35 -22.80 40.86
N ALA B 597 11.10 -23.71 41.79
CA ALA B 597 11.93 -23.79 42.99
C ALA B 597 13.29 -24.44 42.73
N ALA B 598 13.49 -25.03 41.56
CA ALA B 598 14.81 -25.56 41.21
C ALA B 598 15.85 -24.45 41.05
N GLU B 599 15.40 -23.22 40.85
CA GLU B 599 16.28 -22.09 40.61
C GLU B 599 15.86 -20.88 41.43
PG ATP C . 12.28 -3.75 30.05
O1G ATP C . 13.29 -3.97 31.17
O2G ATP C . 12.11 -4.86 29.06
O3G ATP C . 10.99 -3.10 30.47
PB ATP C . 14.38 -1.94 29.39
O1B ATP C . 15.43 -2.87 28.80
O2B ATP C . 14.54 -1.49 30.81
O3B ATP C . 12.93 -2.60 29.16
PA ATP C . 14.81 -0.55 26.95
O1A ATP C . 13.82 -1.25 26.07
O2A ATP C . 16.23 -1.03 26.96
O3A ATP C . 14.15 -0.67 28.43
O5' ATP C . 14.69 1.00 26.54
C5' ATP C . 13.37 1.50 26.55
C4' ATP C . 13.33 3.00 26.74
O4' ATP C . 14.01 3.61 25.62
C3' ATP C . 11.94 3.60 26.74
O3' ATP C . 11.92 4.68 27.65
C2' ATP C . 11.72 4.14 25.33
O2' ATP C . 10.84 5.27 25.37
C1' ATP C . 13.14 4.53 24.96
N9 ATP C . 13.32 4.55 23.47
C8 ATP C . 13.66 3.51 22.73
N7 ATP C . 13.67 3.83 21.41
C5 ATP C . 13.30 5.13 21.30
C6 ATP C . 13.11 6.12 20.20
N6 ATP C . 13.33 5.79 18.89
N1 ATP C . 12.71 7.37 20.50
C2 ATP C . 12.49 7.71 21.79
N3 ATP C . 12.64 6.87 22.84
C4 ATP C . 13.02 5.59 22.67
PG ATP D . 1.72 -19.80 25.18
O1G ATP D . 1.29 -20.60 26.38
O2G ATP D . 2.63 -20.52 24.21
O3G ATP D . 2.11 -18.38 25.48
PB ATP D . -1.08 -20.13 24.63
O1B ATP D . -1.06 -21.55 25.16
O2B ATP D . -1.78 -19.07 25.42
O3B ATP D . 0.42 -19.63 24.27
PA ATP D . -2.60 -21.12 22.49
O1A ATP D . -3.99 -20.60 22.33
O2A ATP D . -2.22 -22.47 23.05
O3A ATP D . -1.68 -20.01 23.16
O5' ATP D . -1.99 -21.14 21.01
C5' ATP D . -1.53 -22.37 20.46
C4' ATP D . -2.70 -23.24 20.06
O4' ATP D . -3.65 -22.44 19.36
C3' ATP D . -2.23 -24.38 19.18
O3' ATP D . -3.09 -25.49 19.39
C2' ATP D . -2.50 -23.75 17.83
O2' ATP D . -2.84 -24.75 16.88
C1' ATP D . -3.77 -22.95 18.07
N9 ATP D . -3.83 -21.78 17.14
C8 ATP D . -3.85 -20.51 17.52
N7 ATP D . -3.98 -19.69 16.45
C5 ATP D . -4.10 -20.49 15.35
C6 ATP D . -4.27 -20.31 13.90
N6 ATP D . -4.34 -19.05 13.39
N1 ATP D . -4.34 -21.38 13.10
C2 ATP D . -4.27 -22.62 13.61
N3 ATP D . -4.11 -22.87 14.93
C4 ATP D . -4.04 -21.86 15.83
#